data_7UVM
#
_entry.id   7UVM
#
_cell.length_a   143.148
_cell.length_b   153.722
_cell.length_c   105.101
_cell.angle_alpha   90.000
_cell.angle_beta   117.760
_cell.angle_gamma   90.000
#
_symmetry.space_group_name_H-M   'C 1 2 1'
#
loop_
_entity.id
_entity.type
_entity.pdbx_description
1 polymer 'ATP-dependent Clp protease proteolytic subunit, mitochondrial'
2 non-polymer (10R)-4-[(4-chlorophenyl)methyl]-7-[(3-ethynylphenyl)methyl]-2,4,6,7,8,9-hexahydroimidazo[1,2-a]pyrido[3,4-e]pyrimidin-5(1H)-one
3 water water
#
_entity_poly.entity_id   1
_entity_poly.type   'polypeptide(L)'
_entity_poly.pdbx_seq_one_letter_code
;SLIPIVVEQTGRGERAYDIYSRLLRERIVCVMGPIDDSVASLVIAQLLFLQSESNKKPIHMYINSPGGVVTAGLAIYDTM
QYILNPICTWCVGQAASMGSLLLAAGTPGMRHSLPNSRIMIHQPSGGARGQATDIAIQAEEIMKLKKQLYNIYAKHTKQS
LQVIESAMERDRYMSPMEAQEFGILDKVLVHPPQDGEDEPTLVQKEPVEAAPAAEPVPAST
;
_entity_poly.pdbx_strand_id   A,B,C,D,E,F,G
#
# COMPACT_ATOMS: atom_id res chain seq x y z
N ILE A 3 6.51 -11.13 -6.52
CA ILE A 3 7.07 -11.36 -7.87
C ILE A 3 8.58 -11.68 -7.81
N PRO A 4 8.96 -12.89 -8.20
CA PRO A 4 10.37 -13.29 -8.06
C PRO A 4 11.30 -12.54 -9.01
N ILE A 5 12.55 -12.52 -8.62
CA ILE A 5 13.63 -11.83 -9.32
C ILE A 5 14.55 -12.89 -9.90
N VAL A 6 15.07 -12.62 -11.10
CA VAL A 6 15.91 -13.56 -11.83
C VAL A 6 17.14 -12.82 -12.34
N VAL A 7 18.30 -13.51 -12.32
CA VAL A 7 19.56 -12.90 -12.75
C VAL A 7 19.84 -13.30 -14.19
N GLU A 8 20.49 -12.39 -14.92
CA GLU A 8 20.86 -12.62 -16.31
C GLU A 8 22.16 -11.88 -16.64
N ARG A 15 21.50 -6.78 -14.43
CA ARG A 15 21.19 -8.15 -14.83
C ARG A 15 20.16 -8.77 -13.88
N ALA A 16 19.50 -7.92 -13.09
CA ALA A 16 18.49 -8.35 -12.13
C ALA A 16 17.14 -7.82 -12.58
N TYR A 17 16.27 -8.72 -13.03
CA TYR A 17 14.91 -8.35 -13.42
C TYR A 17 13.88 -9.18 -12.66
N ASP A 18 12.77 -8.54 -12.28
CA ASP A 18 11.58 -9.32 -11.96
C ASP A 18 11.19 -10.16 -13.17
N ILE A 19 10.47 -11.25 -12.94
CA ILE A 19 10.29 -12.20 -14.04
C ILE A 19 9.42 -11.65 -15.18
N TYR A 20 8.53 -10.68 -14.92
CA TYR A 20 7.73 -10.15 -16.02
C TYR A 20 8.56 -9.21 -16.92
N SER A 21 9.51 -8.47 -16.36
CA SER A 21 10.46 -7.75 -17.21
C SER A 21 11.26 -8.73 -18.06
N ARG A 22 11.62 -9.89 -17.50
CA ARG A 22 12.36 -10.87 -18.28
C ARG A 22 11.54 -11.41 -19.44
N LEU A 23 10.24 -11.61 -19.25
CA LEU A 23 9.37 -12.04 -20.35
C LEU A 23 9.42 -11.04 -21.51
N LEU A 24 9.35 -9.74 -21.19
CA LEU A 24 9.37 -8.70 -22.21
C LEU A 24 10.68 -8.71 -23.01
N ARG A 25 11.82 -8.96 -22.35
CA ARG A 25 13.09 -9.06 -23.07
C ARG A 25 13.14 -10.28 -23.97
N GLU A 26 12.30 -11.27 -23.73
CA GLU A 26 12.10 -12.37 -24.65
C GLU A 26 11.07 -12.05 -25.76
N ARG A 27 10.51 -10.84 -25.78
CA ARG A 27 9.53 -10.41 -26.76
C ARG A 27 8.18 -11.09 -26.55
N ILE A 28 7.84 -11.34 -25.29
CA ILE A 28 6.55 -11.90 -24.89
C ILE A 28 5.72 -10.81 -24.22
N VAL A 29 4.49 -10.67 -24.65
CA VAL A 29 3.54 -9.74 -24.07
C VAL A 29 2.41 -10.56 -23.47
N CYS A 30 2.13 -10.33 -22.19
CA CYS A 30 1.10 -11.10 -21.49
C CYS A 30 -0.25 -10.38 -21.49
N VAL A 31 -1.29 -11.11 -21.88
CA VAL A 31 -2.65 -10.64 -21.82
C VAL A 31 -3.43 -11.60 -20.94
N MET A 32 -3.31 -11.40 -19.62
CA MET A 32 -3.94 -12.26 -18.63
C MET A 32 -5.07 -11.49 -17.97
N GLY A 33 -6.22 -12.10 -17.90
CA GLY A 33 -7.28 -11.54 -17.10
C GLY A 33 -8.13 -10.58 -17.89
N PRO A 34 -9.11 -9.99 -17.23
CA PRO A 34 -10.01 -9.08 -17.93
C PRO A 34 -9.24 -7.94 -18.61
N ILE A 35 -9.70 -7.58 -19.79
CA ILE A 35 -9.15 -6.46 -20.53
C ILE A 35 -9.92 -5.22 -20.09
N ASP A 36 -9.18 -4.20 -19.67
CA ASP A 36 -9.74 -2.86 -19.49
C ASP A 36 -8.72 -1.88 -20.05
N ASP A 37 -9.04 -0.58 -19.91
CA ASP A 37 -8.22 0.47 -20.49
C ASP A 37 -6.78 0.40 -19.99
N SER A 38 -6.58 0.10 -18.71
CA SER A 38 -5.22 0.10 -18.18
C SER A 38 -4.42 -1.12 -18.63
N VAL A 39 -5.07 -2.28 -18.76
CA VAL A 39 -4.43 -3.42 -19.43
C VAL A 39 -4.07 -3.04 -20.88
N ALA A 40 -4.99 -2.40 -21.59
CA ALA A 40 -4.73 -2.09 -23.00
C ALA A 40 -3.57 -1.12 -23.14
N SER A 41 -3.51 -0.10 -22.29
CA SER A 41 -2.44 0.88 -22.41
C SER A 41 -1.07 0.23 -22.17
N LEU A 42 -1.00 -0.66 -21.19
CA LEU A 42 0.24 -1.38 -20.93
C LEU A 42 0.62 -2.35 -22.07
N VAL A 43 -0.34 -3.10 -22.59
CA VAL A 43 -0.05 -3.96 -23.74
C VAL A 43 0.38 -3.13 -24.96
N ILE A 44 -0.29 -2.01 -25.20
CA ILE A 44 0.07 -1.21 -26.37
C ILE A 44 1.46 -0.66 -26.22
N ALA A 45 1.80 -0.19 -25.02
CA ALA A 45 3.10 0.41 -24.83
C ALA A 45 4.19 -0.60 -25.10
N GLN A 46 3.93 -1.86 -24.73
CA GLN A 46 4.92 -2.91 -24.92
C GLN A 46 5.04 -3.34 -26.38
N LEU A 47 3.92 -3.36 -27.11
CA LEU A 47 3.97 -3.68 -28.53
C LEU A 47 4.76 -2.63 -29.31
N LEU A 48 4.48 -1.34 -29.07
CA LEU A 48 5.25 -0.29 -29.71
C LEU A 48 6.72 -0.37 -29.32
N PHE A 49 6.99 -0.61 -28.03
CA PHE A 49 8.38 -0.69 -27.61
C PHE A 49 9.08 -1.84 -28.33
N LEU A 50 8.43 -3.01 -28.40
CA LEU A 50 9.14 -4.11 -29.02
C LEU A 50 9.33 -3.85 -30.51
N GLN A 51 8.40 -3.10 -31.14
CA GLN A 51 8.55 -2.72 -32.55
C GLN A 51 9.74 -1.81 -32.74
N SER A 52 9.94 -0.85 -31.83
CA SER A 52 11.07 0.08 -31.88
C SER A 52 12.41 -0.64 -31.71
N GLU A 53 12.48 -1.70 -30.89
CA GLU A 53 13.71 -2.51 -30.81
C GLU A 53 13.98 -3.24 -32.13
N SER A 54 12.93 -3.78 -32.75
CA SER A 54 13.05 -4.41 -34.06
C SER A 54 11.68 -4.59 -34.70
N ASN A 55 11.50 -4.04 -35.89
CA ASN A 55 10.27 -4.10 -36.68
C ASN A 55 10.13 -5.41 -37.46
N LYS A 56 11.10 -6.31 -37.37
CA LYS A 56 11.07 -7.61 -38.04
C LYS A 56 10.95 -8.81 -37.10
N LYS A 57 11.61 -8.80 -35.95
CA LYS A 57 11.56 -9.97 -35.09
C LYS A 57 10.13 -10.22 -34.61
N PRO A 58 9.64 -11.46 -34.67
CA PRO A 58 8.28 -11.74 -34.16
C PRO A 58 8.11 -11.33 -32.70
N ILE A 59 6.86 -11.06 -32.35
CA ILE A 59 6.40 -10.78 -30.99
C ILE A 59 5.43 -11.90 -30.64
N HIS A 60 5.45 -12.34 -29.39
CA HIS A 60 4.58 -13.42 -28.90
C HIS A 60 3.60 -12.86 -27.87
N MET A 61 2.31 -13.04 -28.12
CA MET A 61 1.28 -12.60 -27.21
C MET A 61 0.66 -13.82 -26.54
N TYR A 62 0.80 -13.88 -25.20
CA TYR A 62 0.27 -14.96 -24.36
C TYR A 62 -1.07 -14.53 -23.79
N ILE A 63 -2.12 -15.29 -24.08
CA ILE A 63 -3.51 -14.87 -23.83
C ILE A 63 -4.16 -15.90 -22.92
N ASN A 64 -4.56 -15.47 -21.72
CA ASN A 64 -5.39 -16.29 -20.83
C ASN A 64 -6.39 -15.30 -20.23
N SER A 65 -7.54 -15.16 -20.87
CA SER A 65 -8.38 -14.01 -20.63
C SER A 65 -9.84 -14.34 -20.86
N PRO A 66 -10.72 -13.99 -19.92
CA PRO A 66 -12.18 -14.17 -20.12
C PRO A 66 -12.84 -13.05 -20.92
N GLY A 67 -12.08 -12.12 -21.49
CA GLY A 67 -12.64 -10.98 -22.23
C GLY A 67 -12.45 -9.70 -21.45
N GLY A 68 -13.31 -8.72 -21.75
CA GLY A 68 -13.26 -7.43 -21.06
C GLY A 68 -13.88 -6.30 -21.88
N VAL A 69 -13.41 -5.07 -21.64
CA VAL A 69 -14.03 -3.90 -22.27
C VAL A 69 -13.75 -3.88 -23.77
N VAL A 70 -14.81 -3.74 -24.57
CA VAL A 70 -14.73 -3.95 -26.02
C VAL A 70 -13.79 -2.92 -26.65
N THR A 71 -13.96 -1.65 -26.32
CA THR A 71 -13.14 -0.62 -26.93
C THR A 71 -11.66 -0.82 -26.58
N ALA A 72 -11.38 -1.26 -25.35
CA ALA A 72 -10.00 -1.52 -24.96
C ALA A 72 -9.42 -2.73 -25.70
N GLY A 73 -10.24 -3.75 -25.96
CA GLY A 73 -9.81 -4.86 -26.79
C GLY A 73 -9.55 -4.43 -28.25
N LEU A 74 -10.36 -3.49 -28.75
CA LEU A 74 -10.20 -2.97 -30.10
C LEU A 74 -8.95 -2.09 -30.22
N ALA A 75 -8.58 -1.37 -29.15
CA ALA A 75 -7.31 -0.64 -29.14
C ALA A 75 -6.12 -1.58 -29.30
N ILE A 76 -6.11 -2.68 -28.53
CA ILE A 76 -5.07 -3.69 -28.68
C ILE A 76 -5.08 -4.26 -30.10
N TYR A 77 -6.23 -4.76 -30.55
CA TYR A 77 -6.36 -5.23 -31.92
C TYR A 77 -5.76 -4.23 -32.93
N ASP A 78 -6.13 -2.94 -32.85
CA ASP A 78 -5.68 -2.01 -33.90
C ASP A 78 -4.16 -1.84 -33.87
N THR A 79 -3.57 -1.86 -32.67
CA THR A 79 -2.12 -1.79 -32.52
C THR A 79 -1.43 -3.01 -33.10
N MET A 80 -1.95 -4.22 -32.84
CA MET A 80 -1.45 -5.44 -33.44
C MET A 80 -1.41 -5.35 -34.96
N GLN A 81 -2.46 -4.80 -35.56
CA GLN A 81 -2.53 -4.65 -37.00
C GLN A 81 -1.59 -3.55 -37.48
N TYR A 82 -1.40 -2.51 -36.67
CA TYR A 82 -0.56 -1.39 -37.05
C TYR A 82 0.93 -1.77 -37.11
N ILE A 83 1.44 -2.50 -36.13
CA ILE A 83 2.87 -2.72 -36.11
C ILE A 83 3.25 -3.67 -37.24
N LEU A 84 4.52 -3.58 -37.66
CA LEU A 84 5.05 -4.35 -38.78
C LEU A 84 5.35 -5.81 -38.42
N ASN A 85 5.57 -6.10 -37.14
CA ASN A 85 6.09 -7.39 -36.76
C ASN A 85 5.09 -8.51 -37.02
N PRO A 86 5.57 -9.69 -37.39
CA PRO A 86 4.72 -10.87 -37.22
C PRO A 86 4.36 -11.00 -35.75
N ILE A 87 3.13 -11.44 -35.46
CA ILE A 87 2.71 -11.64 -34.08
C ILE A 87 2.18 -13.06 -33.92
N CYS A 88 2.82 -13.81 -33.04
CA CYS A 88 2.35 -15.14 -32.66
C CYS A 88 1.44 -15.01 -31.45
N THR A 89 0.22 -15.49 -31.57
CA THR A 89 -0.68 -15.57 -30.43
C THR A 89 -0.69 -16.99 -29.84
N TRP A 90 -0.69 -17.09 -28.51
CA TRP A 90 -0.75 -18.38 -27.82
C TRP A 90 -1.87 -18.38 -26.77
N CYS A 91 -2.82 -19.31 -26.88
CA CYS A 91 -3.85 -19.47 -25.87
C CYS A 91 -3.54 -20.60 -24.88
N VAL A 92 -3.44 -20.26 -23.59
CA VAL A 92 -3.48 -21.24 -22.50
C VAL A 92 -4.63 -20.89 -21.57
N GLY A 93 -5.31 -21.89 -21.08
CA GLY A 93 -6.38 -21.58 -20.18
C GLY A 93 -7.67 -21.27 -20.94
N GLN A 94 -7.88 -20.00 -21.27
CA GLN A 94 -9.02 -19.65 -22.09
C GLN A 94 -8.79 -18.37 -22.85
N ALA A 95 -9.57 -18.22 -23.92
CA ALA A 95 -9.59 -16.99 -24.72
C ALA A 95 -11.07 -16.81 -25.08
N ALA A 96 -11.76 -15.95 -24.34
CA ALA A 96 -13.20 -15.79 -24.48
C ALA A 96 -13.52 -14.32 -24.72
N SER A 97 -14.51 -14.08 -25.58
CA SER A 97 -15.01 -12.73 -25.90
C SER A 97 -13.85 -11.99 -26.54
N MET A 98 -13.42 -10.85 -26.00
CA MET A 98 -12.35 -10.12 -26.67
C MET A 98 -11.05 -10.91 -26.65
N GLY A 99 -10.87 -11.79 -25.66
CA GLY A 99 -9.66 -12.58 -25.66
C GLY A 99 -9.52 -13.37 -26.93
N SER A 100 -10.62 -13.95 -27.40
CA SER A 100 -10.54 -14.78 -28.61
C SER A 100 -10.44 -13.96 -29.88
N LEU A 101 -10.84 -12.69 -29.86
CA LEU A 101 -10.62 -11.84 -31.04
C LEU A 101 -9.14 -11.55 -31.23
N LEU A 102 -8.44 -11.29 -30.12
CA LEU A 102 -7.01 -11.01 -30.17
C LEU A 102 -6.23 -12.24 -30.61
N LEU A 103 -6.67 -13.41 -30.15
CA LEU A 103 -6.09 -14.69 -30.57
C LEU A 103 -6.25 -14.92 -32.07
N ALA A 104 -7.42 -14.60 -32.62
CA ALA A 104 -7.69 -14.81 -34.04
C ALA A 104 -6.97 -13.78 -34.90
N ALA A 105 -6.61 -12.65 -34.32
CA ALA A 105 -5.96 -11.57 -35.06
C ALA A 105 -4.45 -11.72 -35.12
N GLY A 106 -3.90 -12.79 -34.59
CA GLY A 106 -2.49 -13.08 -34.82
C GLY A 106 -2.18 -13.19 -36.30
N THR A 107 -0.88 -13.09 -36.60
CA THR A 107 -0.38 -13.27 -37.96
C THR A 107 -0.79 -14.64 -38.49
N PRO A 108 -1.27 -14.74 -39.73
CA PRO A 108 -1.73 -16.05 -40.22
C PRO A 108 -0.60 -17.09 -40.20
N GLY A 109 -0.98 -18.32 -39.85
CA GLY A 109 -0.06 -19.42 -39.60
C GLY A 109 0.55 -19.45 -38.21
N MET A 110 0.39 -18.41 -37.42
CA MET A 110 1.11 -18.27 -36.15
C MET A 110 0.18 -18.15 -34.94
N ARG A 111 -1.04 -18.69 -35.04
CA ARG A 111 -2.00 -18.67 -33.95
C ARG A 111 -2.06 -20.06 -33.34
N HIS A 112 -1.83 -20.14 -32.03
CA HIS A 112 -1.76 -21.44 -31.38
C HIS A 112 -2.58 -21.54 -30.09
N SER A 113 -2.87 -22.78 -29.69
CA SER A 113 -3.37 -23.07 -28.36
C SER A 113 -2.66 -24.28 -27.77
N LEU A 114 -2.57 -24.31 -26.45
CA LEU A 114 -2.26 -25.55 -25.75
C LEU A 114 -3.46 -26.46 -25.73
N PRO A 115 -3.27 -27.74 -25.38
CA PRO A 115 -4.31 -28.74 -25.68
C PRO A 115 -5.60 -28.57 -24.90
N ASN A 116 -5.58 -28.04 -23.67
CA ASN A 116 -6.77 -28.04 -22.84
C ASN A 116 -7.45 -26.66 -22.73
N SER A 117 -7.06 -25.73 -23.58
CA SER A 117 -7.69 -24.43 -23.57
C SER A 117 -9.13 -24.53 -24.06
N ARG A 118 -9.89 -23.47 -23.76
CA ARG A 118 -11.30 -23.32 -24.09
C ARG A 118 -11.45 -21.97 -24.76
N ILE A 119 -12.14 -21.92 -25.90
CA ILE A 119 -12.21 -20.71 -26.72
C ILE A 119 -13.66 -20.34 -26.98
N MET A 120 -14.01 -19.07 -26.77
CA MET A 120 -15.38 -18.64 -26.97
C MET A 120 -15.49 -17.31 -27.68
N ILE A 121 -16.23 -17.29 -28.76
CA ILE A 121 -16.46 -16.04 -29.45
C ILE A 121 -17.80 -15.39 -29.13
N HIS A 122 -18.74 -16.13 -28.55
CA HIS A 122 -19.96 -15.53 -28.00
C HIS A 122 -19.58 -14.39 -27.05
N GLN A 123 -20.32 -13.31 -27.13
CA GLN A 123 -20.00 -12.13 -26.32
C GLN A 123 -20.87 -12.10 -25.07
N PRO A 124 -20.35 -11.59 -23.94
CA PRO A 124 -21.13 -11.63 -22.70
C PRO A 124 -22.28 -10.64 -22.75
N SER A 125 -23.40 -11.03 -22.13
CA SER A 125 -24.57 -10.15 -22.01
C SER A 125 -24.33 -9.08 -20.94
N ALA A 136 -21.77 3.54 -20.38
CA ALA A 136 -23.22 3.34 -20.61
C ALA A 136 -23.66 3.94 -21.94
N ILE A 137 -24.16 3.12 -22.86
CA ILE A 137 -24.35 3.56 -24.23
C ILE A 137 -25.71 3.11 -24.76
N GLN A 138 -26.09 3.70 -25.90
CA GLN A 138 -27.36 3.50 -26.57
C GLN A 138 -27.38 2.20 -27.39
N ALA A 139 -28.60 1.76 -27.70
CA ALA A 139 -28.79 0.51 -28.43
C ALA A 139 -28.15 0.54 -29.82
N GLU A 140 -28.24 1.67 -30.52
CA GLU A 140 -27.52 1.80 -31.80
C GLU A 140 -26.02 1.60 -31.61
N GLU A 141 -25.44 2.18 -30.57
CA GLU A 141 -24.00 2.05 -30.39
C GLU A 141 -23.60 0.63 -30.04
N ILE A 142 -24.38 -0.05 -29.22
CA ILE A 142 -24.03 -1.43 -28.88
C ILE A 142 -24.01 -2.32 -30.12
N MET A 143 -24.97 -2.13 -31.03
CA MET A 143 -24.98 -2.94 -32.25
C MET A 143 -23.88 -2.54 -33.25
N LYS A 144 -23.53 -1.24 -33.31
CA LYS A 144 -22.41 -0.81 -34.14
C LYS A 144 -21.12 -1.47 -33.69
N LEU A 145 -20.86 -1.49 -32.39
CA LEU A 145 -19.71 -2.23 -31.89
C LEU A 145 -19.80 -3.70 -32.25
N LYS A 146 -20.98 -4.29 -32.07
CA LYS A 146 -21.13 -5.72 -32.33
C LYS A 146 -20.79 -6.04 -33.78
N LYS A 147 -21.21 -5.16 -34.70
CA LYS A 147 -20.90 -5.40 -36.11
C LYS A 147 -19.41 -5.20 -36.39
N GLN A 148 -18.73 -4.33 -35.64
CA GLN A 148 -17.30 -4.21 -35.81
C GLN A 148 -16.64 -5.53 -35.47
N LEU A 149 -17.16 -6.23 -34.45
CA LEU A 149 -16.59 -7.52 -34.09
C LEU A 149 -16.92 -8.59 -35.13
N TYR A 150 -18.15 -8.61 -35.63
CA TYR A 150 -18.50 -9.54 -36.71
C TYR A 150 -17.50 -9.43 -37.87
N ASN A 151 -17.17 -8.20 -38.26
CA ASN A 151 -16.32 -8.00 -39.44
C ASN A 151 -14.88 -8.38 -39.15
N ILE A 152 -14.40 -8.13 -37.93
CA ILE A 152 -13.07 -8.57 -37.57
C ILE A 152 -12.99 -10.10 -37.58
N TYR A 153 -13.96 -10.79 -36.96
CA TYR A 153 -13.85 -12.25 -36.91
C TYR A 153 -13.96 -12.85 -38.31
N ALA A 154 -14.91 -12.34 -39.13
CA ALA A 154 -15.06 -12.83 -40.50
C ALA A 154 -13.76 -12.69 -41.30
N LYS A 155 -13.07 -11.56 -41.12
CA LYS A 155 -11.83 -11.37 -41.86
C LYS A 155 -10.74 -12.33 -41.43
N HIS A 156 -10.52 -12.55 -40.13
CA HIS A 156 -9.39 -13.38 -39.71
C HIS A 156 -9.71 -14.87 -39.73
N THR A 157 -10.98 -15.26 -39.69
CA THR A 157 -11.33 -16.67 -39.85
C THR A 157 -11.67 -17.04 -41.29
N LYS A 158 -11.97 -16.04 -42.12
CA LYS A 158 -12.37 -16.22 -43.52
C LYS A 158 -13.70 -16.97 -43.62
N GLN A 159 -14.49 -16.92 -42.54
CA GLN A 159 -15.88 -17.33 -42.57
C GLN A 159 -16.74 -16.16 -43.03
N SER A 160 -17.93 -16.48 -43.53
CA SER A 160 -18.89 -15.48 -43.94
C SER A 160 -19.52 -14.75 -42.74
N LEU A 161 -20.04 -13.55 -42.99
CA LEU A 161 -20.66 -12.79 -41.91
C LEU A 161 -21.81 -13.56 -41.28
N GLN A 162 -22.61 -14.26 -42.09
CA GLN A 162 -23.74 -14.96 -41.47
C GLN A 162 -23.28 -16.15 -40.64
N VAL A 163 -22.23 -16.84 -41.06
CA VAL A 163 -21.75 -17.92 -40.20
C VAL A 163 -21.15 -17.36 -38.91
N ILE A 164 -20.44 -16.23 -38.98
CA ILE A 164 -19.92 -15.66 -37.75
C ILE A 164 -21.06 -15.26 -36.82
N GLU A 165 -22.13 -14.68 -37.39
CA GLU A 165 -23.29 -14.21 -36.60
C GLU A 165 -24.01 -15.35 -35.89
N SER A 166 -24.29 -16.45 -36.58
CA SER A 166 -24.97 -17.58 -35.94
C SER A 166 -24.09 -18.23 -34.89
N ALA A 167 -22.79 -18.39 -35.18
CA ALA A 167 -21.90 -19.00 -34.19
C ALA A 167 -21.86 -18.18 -32.89
N MET A 168 -21.78 -16.87 -33.00
CA MET A 168 -21.62 -16.06 -31.80
C MET A 168 -22.88 -15.99 -30.97
N GLU A 169 -24.02 -16.38 -31.55
CA GLU A 169 -25.27 -16.50 -30.81
C GLU A 169 -25.25 -17.71 -29.90
N ARG A 170 -24.42 -18.70 -30.22
CA ARG A 170 -24.34 -19.92 -29.41
C ARG A 170 -23.50 -19.64 -28.17
N ASP A 171 -24.11 -19.76 -27.01
CA ASP A 171 -23.44 -19.59 -25.72
C ASP A 171 -22.74 -20.89 -25.38
N ARG A 172 -21.46 -21.01 -25.79
CA ARG A 172 -20.90 -22.35 -25.94
C ARG A 172 -19.50 -22.68 -25.39
N TYR A 173 -18.45 -22.11 -25.95
CA TYR A 173 -17.05 -22.58 -25.76
C TYR A 173 -16.67 -23.72 -26.69
N MET A 174 -15.53 -23.65 -27.34
CA MET A 174 -15.08 -24.65 -28.29
C MET A 174 -13.69 -25.14 -27.85
N SER A 175 -13.37 -26.37 -28.26
CA SER A 175 -12.07 -26.97 -27.99
C SER A 175 -11.06 -26.36 -28.96
N PRO A 176 -9.77 -26.50 -28.68
CA PRO A 176 -8.77 -26.00 -29.63
C PRO A 176 -8.94 -26.54 -31.03
N MET A 177 -9.29 -27.83 -31.19
CA MET A 177 -9.41 -28.42 -32.52
C MET A 177 -10.63 -27.86 -33.26
N GLU A 178 -11.72 -27.59 -32.56
CA GLU A 178 -12.84 -26.94 -33.24
C GLU A 178 -12.47 -25.54 -33.71
N ALA A 179 -11.77 -24.78 -32.85
CA ALA A 179 -11.40 -23.42 -33.20
C ALA A 179 -10.40 -23.38 -34.35
N GLN A 180 -9.56 -24.42 -34.47
CA GLN A 180 -8.74 -24.58 -35.66
C GLN A 180 -9.60 -24.75 -36.91
N GLU A 181 -10.54 -25.70 -36.90
CA GLU A 181 -11.43 -25.91 -38.05
C GLU A 181 -12.26 -24.66 -38.40
N PHE A 182 -12.63 -23.87 -37.40
CA PHE A 182 -13.41 -22.65 -37.66
C PHE A 182 -12.55 -21.51 -38.20
N GLY A 183 -11.23 -21.57 -38.02
CA GLY A 183 -10.33 -20.53 -38.49
C GLY A 183 -9.89 -19.54 -37.44
N ILE A 184 -10.19 -19.80 -36.17
CA ILE A 184 -9.76 -18.91 -35.10
C ILE A 184 -8.27 -19.07 -34.87
N LEU A 185 -7.76 -20.29 -35.02
CA LEU A 185 -6.34 -20.52 -34.83
C LEU A 185 -5.86 -21.53 -35.85
N ASP A 186 -4.51 -21.66 -35.93
CA ASP A 186 -3.82 -22.54 -36.87
C ASP A 186 -3.23 -23.81 -36.27
N LYS A 187 -2.63 -23.76 -35.10
CA LYS A 187 -1.85 -24.90 -34.60
C LYS A 187 -2.26 -25.22 -33.16
N VAL A 188 -2.51 -26.50 -32.90
CA VAL A 188 -2.76 -27.00 -31.56
C VAL A 188 -1.56 -27.84 -31.20
N LEU A 189 -0.76 -27.38 -30.23
CA LEU A 189 0.48 -28.08 -29.92
C LEU A 189 0.52 -28.61 -28.51
N VAL A 190 1.16 -29.77 -28.37
CA VAL A 190 1.38 -30.40 -27.08
C VAL A 190 2.81 -30.22 -26.60
N HIS A 191 3.85 -30.36 -27.53
CA HIS A 191 5.28 -30.25 -27.21
C HIS A 191 6.01 -29.37 -28.23
N PRO A 192 7.32 -29.06 -28.02
CA PRO A 192 8.11 -28.35 -29.04
C PRO A 192 8.47 -29.19 -30.28
N ILE B 3 4.14 -2.69 -13.68
CA ILE B 3 4.68 -2.03 -14.87
C ILE B 3 6.08 -2.56 -15.16
N PRO B 4 6.30 -3.15 -16.33
CA PRO B 4 7.61 -3.73 -16.61
C PRO B 4 8.69 -2.67 -16.79
N ILE B 5 9.93 -3.16 -16.71
CA ILE B 5 11.14 -2.35 -16.82
C ILE B 5 11.83 -2.72 -18.12
N VAL B 6 12.33 -1.71 -18.85
CA VAL B 6 13.05 -1.94 -20.09
C VAL B 6 14.44 -1.32 -20.01
N VAL B 7 15.33 -1.85 -20.87
CA VAL B 7 16.70 -1.34 -21.00
C VAL B 7 17.05 -1.06 -22.47
N ALA B 16 18.05 1.43 -17.65
CA ALA B 16 16.89 1.09 -16.82
C ALA B 16 15.79 2.16 -16.96
N TYR B 17 14.53 1.71 -16.99
CA TYR B 17 13.40 2.55 -17.39
C TYR B 17 12.08 1.77 -17.22
N ASP B 18 11.17 2.19 -16.33
CA ASP B 18 9.82 1.66 -16.45
C ASP B 18 9.21 2.12 -17.79
N ILE B 19 8.35 1.28 -18.36
CA ILE B 19 7.89 1.49 -19.72
C ILE B 19 7.17 2.83 -19.92
N TYR B 20 6.45 3.34 -18.92
CA TYR B 20 5.80 4.65 -19.09
C TYR B 20 6.83 5.78 -19.10
N SER B 21 7.92 5.67 -18.35
CA SER B 21 8.97 6.67 -18.48
C SER B 21 9.68 6.58 -19.84
N ARG B 22 9.78 5.37 -20.40
CA ARG B 22 10.35 5.23 -21.74
C ARG B 22 9.48 5.92 -22.77
N LEU B 23 8.16 5.81 -22.62
CA LEU B 23 7.25 6.55 -23.49
C LEU B 23 7.50 8.05 -23.42
N LEU B 24 7.63 8.60 -22.21
CA LEU B 24 7.91 10.01 -22.08
C LEU B 24 9.20 10.38 -22.80
N ARG B 25 10.15 9.45 -22.88
CA ARG B 25 11.41 9.71 -23.56
C ARG B 25 11.25 9.81 -25.07
N GLU B 26 10.23 9.15 -25.61
CA GLU B 26 9.83 9.33 -27.00
C GLU B 26 8.98 10.59 -27.23
N ARG B 27 8.72 11.40 -26.19
CA ARG B 27 7.85 12.56 -26.31
C ARG B 27 6.40 12.11 -26.54
N ILE B 28 6.02 11.04 -25.86
CA ILE B 28 4.63 10.59 -25.84
C ILE B 28 4.05 10.89 -24.46
N VAL B 29 2.89 11.52 -24.45
CA VAL B 29 2.13 11.82 -23.24
C VAL B 29 0.82 11.04 -23.36
N CYS B 30 0.54 10.22 -22.36
CA CYS B 30 -0.67 9.38 -22.39
C CYS B 30 -1.84 10.01 -21.63
N VAL B 31 -3.01 10.02 -22.27
CA VAL B 31 -4.24 10.43 -21.62
C VAL B 31 -5.18 9.22 -21.71
N MET B 32 -5.03 8.28 -20.78
CA MET B 32 -5.84 7.06 -20.71
C MET B 32 -6.77 7.21 -19.52
N GLY B 33 -8.05 7.24 -19.78
CA GLY B 33 -8.99 7.05 -18.69
C GLY B 33 -9.68 8.34 -18.32
N PRO B 34 -10.51 8.27 -17.31
CA PRO B 34 -11.25 9.47 -16.90
C PRO B 34 -10.25 10.59 -16.60
N ILE B 35 -10.60 11.78 -17.05
CA ILE B 35 -9.77 12.95 -16.81
C ILE B 35 -10.25 13.58 -15.52
N ASP B 36 -9.35 13.75 -14.56
CA ASP B 36 -9.64 14.52 -13.37
C ASP B 36 -8.46 15.44 -13.12
N ASP B 37 -8.49 16.18 -12.01
CA ASP B 37 -7.47 17.18 -11.75
C ASP B 37 -6.06 16.56 -11.64
N SER B 38 -5.93 15.40 -11.03
CA SER B 38 -4.57 14.86 -10.94
C SER B 38 -4.08 14.28 -12.27
N VAL B 39 -4.95 13.71 -13.10
CA VAL B 39 -4.53 13.35 -14.45
C VAL B 39 -4.05 14.59 -15.20
N ALA B 40 -4.77 15.70 -15.06
CA ALA B 40 -4.44 16.93 -15.77
C ALA B 40 -3.14 17.52 -15.25
N SER B 41 -2.92 17.45 -13.93
CA SER B 41 -1.67 17.95 -13.39
C SER B 41 -0.47 17.15 -13.94
N LEU B 42 -0.61 15.84 -14.06
CA LEU B 42 0.46 15.02 -14.61
C LEU B 42 0.64 15.24 -16.11
N VAL B 43 -0.44 15.35 -16.87
CA VAL B 43 -0.30 15.61 -18.31
C VAL B 43 0.35 16.97 -18.53
N ILE B 44 -0.08 17.98 -17.77
CA ILE B 44 0.51 19.32 -17.93
C ILE B 44 1.99 19.31 -17.55
N ALA B 45 2.33 18.71 -16.41
CA ALA B 45 3.75 18.64 -16.04
C ALA B 45 4.56 18.10 -17.20
N GLN B 46 4.04 17.08 -17.88
CA GLN B 46 4.78 16.42 -18.95
C GLN B 46 4.90 17.29 -20.20
N LEU B 47 3.81 17.99 -20.57
CA LEU B 47 3.88 18.89 -21.71
C LEU B 47 4.92 20.00 -21.49
N LEU B 48 4.94 20.59 -20.29
CA LEU B 48 5.88 21.68 -20.03
C LEU B 48 7.30 21.14 -19.96
N PHE B 49 7.48 19.93 -19.42
CA PHE B 49 8.80 19.30 -19.44
C PHE B 49 9.28 19.10 -20.87
N LEU B 50 8.44 18.51 -21.72
CA LEU B 50 8.85 18.25 -23.09
C LEU B 50 9.12 19.54 -23.86
N GLN B 51 8.35 20.61 -23.60
CA GLN B 51 8.65 21.90 -24.22
C GLN B 51 10.04 22.40 -23.83
N SER B 52 10.41 22.25 -22.55
CA SER B 52 11.73 22.70 -22.12
C SER B 52 12.86 21.83 -22.70
N GLU B 53 12.59 20.58 -23.03
CA GLU B 53 13.62 19.81 -23.73
C GLU B 53 13.83 20.32 -25.16
N SER B 54 12.74 20.62 -25.88
CA SER B 54 12.82 21.20 -27.22
C SER B 54 11.52 21.95 -27.49
N ASN B 55 11.62 23.25 -27.75
CA ASN B 55 10.45 24.10 -28.00
C ASN B 55 9.74 23.72 -29.31
N LYS B 56 10.42 23.02 -30.19
CA LYS B 56 9.98 22.88 -31.57
C LYS B 56 9.69 21.44 -31.96
N LYS B 57 10.30 20.50 -31.29
CA LYS B 57 10.10 19.10 -31.59
C LYS B 57 8.66 18.73 -31.30
N PRO B 58 7.99 17.99 -32.18
CA PRO B 58 6.61 17.57 -31.92
C PRO B 58 6.46 16.72 -30.66
N ILE B 59 5.30 16.87 -30.01
CA ILE B 59 4.84 16.01 -28.92
C ILE B 59 3.68 15.16 -29.40
N HIS B 60 3.63 13.91 -28.93
CA HIS B 60 2.57 12.97 -29.29
C HIS B 60 1.67 12.67 -28.09
N MET B 61 0.36 12.86 -28.27
CA MET B 61 -0.63 12.67 -27.22
C MET B 61 -1.48 11.46 -27.62
N TYR B 62 -1.42 10.39 -26.80
CA TYR B 62 -2.19 9.17 -27.00
C TYR B 62 -3.45 9.30 -26.14
N ILE B 63 -4.60 9.26 -26.77
CA ILE B 63 -5.88 9.49 -26.11
C ILE B 63 -6.71 8.21 -26.19
N ASN B 64 -7.10 7.69 -25.01
CA ASN B 64 -8.09 6.61 -24.92
C ASN B 64 -8.89 6.95 -23.68
N SER B 65 -10.02 7.61 -23.84
CA SER B 65 -10.62 8.19 -22.64
C SER B 65 -12.12 8.40 -22.80
N PRO B 66 -12.92 8.02 -21.79
CA PRO B 66 -14.35 8.30 -21.82
C PRO B 66 -14.72 9.76 -21.52
N GLY B 67 -13.76 10.63 -21.20
CA GLY B 67 -14.14 11.96 -20.76
C GLY B 67 -13.73 12.25 -19.32
N GLY B 68 -14.36 13.21 -18.67
CA GLY B 68 -14.02 13.52 -17.30
C GLY B 68 -14.40 14.93 -16.92
N VAL B 69 -13.71 15.45 -15.90
CA VAL B 69 -14.04 16.76 -15.35
C VAL B 69 -13.74 17.83 -16.37
N VAL B 70 -14.73 18.69 -16.65
CA VAL B 70 -14.63 19.70 -17.70
C VAL B 70 -13.47 20.65 -17.45
N THR B 71 -13.39 21.22 -16.23
CA THR B 71 -12.34 22.18 -15.97
C THR B 71 -10.95 21.53 -16.05
N ALA B 72 -10.83 20.27 -15.64
CA ALA B 72 -9.55 19.56 -15.82
C ALA B 72 -9.22 19.39 -17.30
N GLY B 73 -10.23 19.01 -18.10
CA GLY B 73 -10.07 18.96 -19.56
C GLY B 73 -9.63 20.29 -20.15
N LEU B 74 -10.23 21.40 -19.70
CA LEU B 74 -9.88 22.70 -20.28
C LEU B 74 -8.49 23.13 -19.84
N ALA B 75 -8.03 22.69 -18.65
CA ALA B 75 -6.65 22.97 -18.24
C ALA B 75 -5.64 22.29 -19.17
N ILE B 76 -5.89 21.03 -19.53
CA ILE B 76 -5.01 20.39 -20.50
C ILE B 76 -5.10 21.11 -21.85
N TYR B 77 -6.32 21.45 -22.28
CA TYR B 77 -6.52 22.16 -23.54
C TYR B 77 -5.68 23.42 -23.58
N ASP B 78 -5.81 24.26 -22.54
CA ASP B 78 -5.11 25.54 -22.47
C ASP B 78 -3.60 25.35 -22.47
N THR B 79 -3.10 24.30 -21.83
CA THR B 79 -1.68 24.03 -21.89
C THR B 79 -1.25 23.65 -23.31
N MET B 80 -2.09 22.87 -24.01
CA MET B 80 -1.75 22.42 -25.37
C MET B 80 -1.61 23.60 -26.31
N GLN B 81 -2.52 24.57 -26.19
CA GLN B 81 -2.46 25.76 -27.00
C GLN B 81 -1.33 26.66 -26.57
N TYR B 82 -0.91 26.55 -25.29
CA TYR B 82 0.08 27.47 -24.74
C TYR B 82 1.47 27.15 -25.27
N ILE B 83 1.84 25.86 -25.28
CA ILE B 83 3.21 25.52 -25.59
C ILE B 83 3.47 25.80 -27.07
N LEU B 84 4.75 25.97 -27.41
CA LEU B 84 5.16 26.26 -28.77
C LEU B 84 5.13 25.03 -29.67
N ASN B 85 5.15 23.84 -29.09
CA ASN B 85 5.33 22.63 -29.88
C ASN B 85 4.13 22.32 -30.77
N PRO B 86 4.35 21.74 -31.95
CA PRO B 86 3.27 21.00 -32.63
C PRO B 86 2.93 19.80 -31.77
N ILE B 87 1.66 19.42 -31.79
CA ILE B 87 1.14 18.29 -31.01
C ILE B 87 0.36 17.37 -31.95
N CYS B 88 0.84 16.12 -32.12
CA CYS B 88 0.10 15.08 -32.81
C CYS B 88 -0.80 14.38 -31.78
N THR B 89 -2.10 14.35 -32.05
CA THR B 89 -3.06 13.58 -31.28
C THR B 89 -3.34 12.26 -32.01
N TRP B 90 -3.46 11.18 -31.22
CA TRP B 90 -3.80 9.84 -31.69
C TRP B 90 -4.92 9.27 -30.84
N CYS B 91 -6.02 8.84 -31.46
CA CYS B 91 -7.09 8.17 -30.70
C CYS B 91 -7.04 6.66 -30.89
N VAL B 92 -6.95 5.92 -29.79
CA VAL B 92 -7.16 4.48 -29.84
C VAL B 92 -8.28 4.12 -28.86
N GLY B 93 -9.09 3.15 -29.23
CA GLY B 93 -10.16 2.75 -28.34
C GLY B 93 -11.31 3.74 -28.39
N GLN B 94 -11.23 4.86 -27.65
CA GLN B 94 -12.23 5.90 -27.82
C GLN B 94 -11.74 7.26 -27.36
N ALA B 95 -12.45 8.29 -27.81
CA ALA B 95 -12.28 9.66 -27.33
C ALA B 95 -13.69 10.16 -27.16
N ALA B 96 -14.20 10.18 -25.94
CA ALA B 96 -15.55 10.65 -25.69
C ALA B 96 -15.50 11.91 -24.86
N SER B 97 -16.38 12.87 -25.18
CA SER B 97 -16.55 14.12 -24.41
C SER B 97 -15.22 14.84 -24.36
N MET B 98 -14.69 15.18 -23.18
CA MET B 98 -13.43 15.93 -23.11
C MET B 98 -12.30 15.21 -23.82
N GLY B 99 -12.32 13.88 -23.83
CA GLY B 99 -11.36 13.15 -24.66
C GLY B 99 -11.32 13.65 -26.09
N SER B 100 -12.50 13.78 -26.73
CA SER B 100 -12.54 14.19 -28.13
C SER B 100 -12.26 15.69 -28.29
N LEU B 101 -12.49 16.50 -27.27
CA LEU B 101 -12.00 17.86 -27.37
C LEU B 101 -10.49 17.90 -27.46
N LEU B 102 -9.80 17.10 -26.64
CA LEU B 102 -8.34 17.11 -26.71
C LEU B 102 -7.82 16.51 -28.03
N LEU B 103 -8.52 15.51 -28.58
CA LEU B 103 -8.16 14.99 -29.89
C LEU B 103 -8.26 16.07 -30.97
N ALA B 104 -9.37 16.81 -30.98
CA ALA B 104 -9.64 17.81 -32.00
C ALA B 104 -8.69 19.00 -31.89
N ALA B 105 -8.09 19.20 -30.74
CA ALA B 105 -7.28 20.34 -30.45
C ALA B 105 -5.82 20.16 -30.83
N GLY B 106 -5.42 19.01 -31.39
CA GLY B 106 -4.07 18.89 -31.87
C GLY B 106 -3.81 19.82 -33.07
N THR B 107 -2.56 19.85 -33.47
CA THR B 107 -2.14 20.71 -34.56
C THR B 107 -2.88 20.38 -35.85
N PRO B 108 -3.34 21.39 -36.60
CA PRO B 108 -4.03 21.11 -37.86
C PRO B 108 -3.16 20.24 -38.74
N GLY B 109 -3.77 19.19 -39.26
CA GLY B 109 -3.04 18.21 -40.04
C GLY B 109 -2.47 17.04 -39.25
N MET B 110 -2.37 17.12 -37.92
CA MET B 110 -1.72 16.02 -37.19
C MET B 110 -2.63 15.32 -36.17
N ARG B 111 -3.93 15.27 -36.44
CA ARG B 111 -4.92 14.63 -35.58
C ARG B 111 -5.30 13.30 -36.21
N HIS B 112 -5.05 12.21 -35.49
CA HIS B 112 -5.17 10.88 -36.06
C HIS B 112 -6.09 9.97 -35.24
N SER B 113 -6.58 8.92 -35.90
CA SER B 113 -7.26 7.81 -35.23
C SER B 113 -6.89 6.48 -35.88
N LEU B 114 -6.83 5.43 -35.06
CA LEU B 114 -6.79 4.09 -35.62
C LEU B 114 -8.20 3.69 -36.04
N PRO B 115 -8.33 2.64 -36.86
CA PRO B 115 -9.59 2.47 -37.62
C PRO B 115 -10.81 2.02 -36.80
N ASN B 116 -10.62 1.35 -35.65
CA ASN B 116 -11.76 0.85 -34.89
C ASN B 116 -12.12 1.73 -33.67
N SER B 117 -11.55 2.94 -33.58
CA SER B 117 -11.90 3.86 -32.51
C SER B 117 -13.34 4.38 -32.68
N ARG B 118 -13.92 4.80 -31.55
CA ARG B 118 -15.22 5.46 -31.48
C ARG B 118 -14.99 6.87 -30.93
N ILE B 119 -15.54 7.87 -31.57
CA ILE B 119 -15.40 9.25 -31.14
C ILE B 119 -16.77 9.82 -30.80
N MET B 120 -16.85 10.56 -29.71
CA MET B 120 -18.10 11.21 -29.35
C MET B 120 -17.85 12.61 -28.81
N ILE B 121 -18.68 13.56 -29.27
CA ILE B 121 -18.63 14.92 -28.76
C ILE B 121 -19.82 15.30 -27.88
N HIS B 122 -20.92 14.57 -27.93
CA HIS B 122 -21.95 14.68 -26.92
C HIS B 122 -21.33 14.62 -25.53
N GLN B 123 -21.79 15.48 -24.65
CA GLN B 123 -21.39 15.46 -23.27
C GLN B 123 -22.37 14.65 -22.43
N PRO B 124 -21.89 13.86 -21.46
CA PRO B 124 -22.82 13.10 -20.60
C PRO B 124 -23.61 14.03 -19.68
N SER B 125 -24.64 13.46 -19.07
CA SER B 125 -25.40 14.22 -18.08
C SER B 125 -24.82 14.00 -16.67
N ALA B 136 -20.36 20.95 -7.40
CA ALA B 136 -21.74 21.19 -7.82
C ALA B 136 -21.94 22.69 -8.05
N ILE B 137 -22.66 23.06 -9.11
CA ILE B 137 -22.69 24.45 -9.56
C ILE B 137 -24.06 24.87 -10.07
N GLN B 138 -24.26 26.18 -10.11
CA GLN B 138 -25.49 26.78 -10.58
C GLN B 138 -25.68 26.51 -12.07
N ALA B 139 -26.94 26.61 -12.49
CA ALA B 139 -27.30 26.39 -13.89
C ALA B 139 -26.61 27.35 -14.86
N GLU B 140 -26.42 28.62 -14.46
CA GLU B 140 -25.73 29.58 -15.33
C GLU B 140 -24.28 29.17 -15.60
N GLU B 141 -23.60 28.64 -14.59
CA GLU B 141 -22.23 28.17 -14.77
C GLU B 141 -22.17 26.94 -15.66
N ILE B 142 -23.12 26.03 -15.52
CA ILE B 142 -23.07 24.88 -16.41
C ILE B 142 -23.20 25.31 -17.86
N MET B 143 -24.00 26.35 -18.14
CA MET B 143 -24.20 26.78 -19.52
C MET B 143 -22.99 27.55 -20.03
N LYS B 144 -22.38 28.36 -19.17
CA LYS B 144 -21.15 29.03 -19.56
C LYS B 144 -20.10 28.02 -19.98
N LEU B 145 -19.91 26.98 -19.18
CA LEU B 145 -18.91 25.96 -19.51
C LEU B 145 -19.27 25.28 -20.82
N LYS B 146 -20.55 25.02 -21.04
CA LYS B 146 -21.01 24.37 -22.27
C LYS B 146 -20.69 25.21 -23.49
N LYS B 147 -20.87 26.54 -23.39
CA LYS B 147 -20.57 27.41 -24.51
C LYS B 147 -19.08 27.55 -24.76
N GLN B 148 -18.25 27.49 -23.72
CA GLN B 148 -16.82 27.43 -23.96
C GLN B 148 -16.47 26.21 -24.79
N LEU B 149 -17.12 25.07 -24.52
CA LEU B 149 -16.88 23.88 -25.33
C LEU B 149 -17.38 24.07 -26.77
N TYR B 150 -18.55 24.71 -26.95
CA TYR B 150 -19.04 24.98 -28.30
C TYR B 150 -18.03 25.81 -29.09
N ASN B 151 -17.49 26.85 -28.47
CA ASN B 151 -16.54 27.72 -29.15
C ASN B 151 -15.22 27.01 -29.44
N ILE B 152 -14.70 26.21 -28.51
CA ILE B 152 -13.51 25.42 -28.80
C ILE B 152 -13.76 24.45 -29.96
N TYR B 153 -14.88 23.72 -29.94
CA TYR B 153 -15.11 22.74 -31.00
C TYR B 153 -15.33 23.43 -32.35
N ALA B 154 -16.04 24.56 -32.36
CA ALA B 154 -16.27 25.29 -33.60
C ALA B 154 -14.94 25.77 -34.19
N LYS B 155 -14.03 26.26 -33.34
CA LYS B 155 -12.76 26.77 -33.82
C LYS B 155 -11.90 25.67 -34.44
N HIS B 156 -11.84 24.47 -33.85
CA HIS B 156 -10.89 23.46 -34.35
C HIS B 156 -11.48 22.53 -35.40
N THR B 157 -12.82 22.37 -35.48
CA THR B 157 -13.46 21.61 -36.55
C THR B 157 -13.77 22.47 -37.77
N LYS B 158 -13.85 23.79 -37.58
CA LYS B 158 -14.26 24.77 -38.59
C LYS B 158 -15.74 24.67 -38.94
N GLN B 159 -16.53 24.10 -38.04
CA GLN B 159 -17.98 24.12 -38.18
C GLN B 159 -18.55 25.35 -37.47
N SER B 160 -19.73 25.74 -37.90
CA SER B 160 -20.48 26.80 -37.24
C SER B 160 -21.01 26.37 -35.86
N LEU B 161 -21.26 27.38 -35.02
CA LEU B 161 -21.85 27.13 -33.71
C LEU B 161 -23.12 26.32 -33.79
N GLN B 162 -23.98 26.63 -34.75
CA GLN B 162 -25.24 25.92 -34.83
C GLN B 162 -25.02 24.45 -35.13
N VAL B 163 -24.11 24.13 -36.05
CA VAL B 163 -23.77 22.74 -36.35
C VAL B 163 -23.19 22.04 -35.13
N ILE B 164 -22.25 22.67 -34.44
CA ILE B 164 -21.70 22.05 -33.24
C ILE B 164 -22.82 21.79 -32.23
N GLU B 165 -23.62 22.82 -31.92
CA GLU B 165 -24.71 22.69 -30.97
C GLU B 165 -25.64 21.52 -31.32
N SER B 166 -26.07 21.42 -32.58
CA SER B 166 -26.98 20.33 -32.94
C SER B 166 -26.30 18.96 -32.83
N ALA B 167 -25.02 18.87 -33.24
CA ALA B 167 -24.31 17.58 -33.15
C ALA B 167 -24.14 17.12 -31.71
N MET B 168 -23.87 18.04 -30.78
CA MET B 168 -23.61 17.64 -29.40
C MET B 168 -24.88 17.19 -28.68
N GLU B 169 -26.03 17.52 -29.23
CA GLU B 169 -27.30 17.07 -28.69
C GLU B 169 -27.57 15.60 -29.03
N ARG B 170 -26.97 15.09 -30.10
CA ARG B 170 -27.16 13.69 -30.49
C ARG B 170 -26.27 12.80 -29.64
N ASP B 171 -26.90 11.90 -28.90
CA ASP B 171 -26.22 10.94 -28.06
C ASP B 171 -25.83 9.74 -28.93
N ARG B 172 -24.67 9.87 -29.56
CA ARG B 172 -24.18 8.82 -30.44
C ARG B 172 -22.67 8.94 -30.58
N TYR B 173 -22.05 7.87 -31.05
CA TYR B 173 -20.63 7.84 -31.38
C TYR B 173 -20.44 7.94 -32.89
N MET B 174 -19.28 8.47 -33.30
CA MET B 174 -18.90 8.52 -34.70
C MET B 174 -17.73 7.57 -34.96
N SER B 175 -17.64 7.07 -36.18
CA SER B 175 -16.51 6.31 -36.64
C SER B 175 -15.39 7.30 -36.96
N PRO B 176 -14.17 6.81 -37.08
CA PRO B 176 -13.06 7.72 -37.43
C PRO B 176 -13.31 8.50 -38.72
N MET B 177 -13.78 7.84 -39.76
CA MET B 177 -13.98 8.56 -41.02
C MET B 177 -15.06 9.62 -40.92
N GLU B 178 -16.12 9.40 -40.16
CA GLU B 178 -17.12 10.44 -39.97
C GLU B 178 -16.57 11.61 -39.13
N ALA B 179 -15.75 11.30 -38.13
CA ALA B 179 -15.12 12.38 -37.37
C ALA B 179 -14.15 13.16 -38.24
N GLN B 180 -13.47 12.47 -39.15
CA GLN B 180 -12.63 13.14 -40.12
C GLN B 180 -13.48 14.06 -41.00
N GLU B 181 -14.63 13.56 -41.48
CA GLU B 181 -15.47 14.42 -42.32
C GLU B 181 -15.99 15.64 -41.53
N PHE B 182 -16.30 15.45 -40.25
CA PHE B 182 -16.82 16.54 -39.43
C PHE B 182 -15.73 17.53 -39.03
N GLY B 183 -14.47 17.12 -39.07
CA GLY B 183 -13.35 18.01 -38.79
C GLY B 183 -12.68 17.80 -37.44
N ILE B 184 -12.99 16.69 -36.76
CA ILE B 184 -12.37 16.38 -35.48
C ILE B 184 -10.97 15.85 -35.66
N LEU B 185 -10.72 15.13 -36.75
CA LEU B 185 -9.42 14.57 -37.03
C LEU B 185 -9.10 14.66 -38.52
N ASP B 186 -7.83 14.52 -38.81
CA ASP B 186 -7.32 14.71 -40.15
C ASP B 186 -7.06 13.41 -40.88
N LYS B 187 -6.74 12.33 -40.18
CA LYS B 187 -6.28 11.11 -40.85
C LYS B 187 -6.66 9.87 -40.04
N VAL B 188 -7.13 8.85 -40.75
CA VAL B 188 -7.42 7.53 -40.19
C VAL B 188 -6.35 6.59 -40.69
N LEU B 189 -5.55 6.02 -39.78
CA LEU B 189 -4.33 5.31 -40.13
C LEU B 189 -4.49 3.84 -39.81
N VAL B 190 -4.13 2.98 -40.75
CA VAL B 190 -4.17 1.53 -40.53
C VAL B 190 -2.78 0.96 -40.23
N HIS B 191 -1.75 1.40 -40.95
CA HIS B 191 -0.36 0.93 -40.85
C HIS B 191 0.53 2.17 -40.81
N PRO B 192 1.81 2.00 -40.49
CA PRO B 192 2.74 3.16 -40.46
C PRO B 192 2.90 3.76 -41.85
N PRO B 193 2.62 5.08 -42.02
CA PRO B 193 2.93 5.75 -43.31
C PRO B 193 4.44 5.84 -43.50
N ILE C 3 3.95 7.94 -11.48
CA ILE C 3 4.57 9.23 -11.78
C ILE C 3 5.86 8.97 -12.56
N PRO C 4 5.98 9.47 -13.79
CA PRO C 4 7.16 9.14 -14.60
C PRO C 4 8.43 9.80 -14.08
N ILE C 5 9.56 9.18 -14.43
CA ILE C 5 10.91 9.65 -14.10
C ILE C 5 11.49 10.36 -15.33
N VAL C 6 12.18 11.48 -15.10
CA VAL C 6 12.92 12.19 -16.14
C VAL C 6 14.39 12.24 -15.76
N VAL C 7 15.28 12.07 -16.72
CA VAL C 7 16.71 12.08 -16.44
C VAL C 7 17.47 13.29 -16.93
N GLU C 8 18.50 13.66 -16.21
CA GLU C 8 19.32 14.76 -16.60
C GLU C 8 20.78 14.36 -16.42
N ARG C 15 20.99 12.52 -13.75
CA ARG C 15 20.32 12.24 -12.48
C ARG C 15 18.85 11.89 -12.73
N ALA C 16 18.29 11.02 -11.90
CA ALA C 16 16.90 10.62 -12.04
C ALA C 16 16.02 11.46 -11.12
N TYR C 17 14.89 11.92 -11.65
CA TYR C 17 13.96 12.74 -10.89
C TYR C 17 12.54 12.41 -11.32
N ASP C 18 11.67 12.10 -10.36
CA ASP C 18 10.24 12.11 -10.69
C ASP C 18 9.86 13.52 -11.17
N ILE C 19 8.82 13.57 -12.00
CA ILE C 19 8.52 14.81 -12.70
C ILE C 19 8.18 15.94 -11.73
N TYR C 20 7.54 15.62 -10.59
CA TYR C 20 7.19 16.67 -9.64
C TYR C 20 8.44 17.22 -8.95
N SER C 21 9.46 16.39 -8.77
CA SER C 21 10.74 16.90 -8.27
C SER C 21 11.41 17.78 -9.30
N ARG C 22 11.23 17.47 -10.59
CA ARG C 22 11.80 18.31 -11.64
C ARG C 22 11.17 19.70 -11.60
N LEU C 23 9.84 19.77 -11.40
CA LEU C 23 9.15 21.05 -11.34
C LEU C 23 9.67 21.92 -10.21
N LEU C 24 9.81 21.35 -9.02
CA LEU C 24 10.34 22.12 -7.90
C LEU C 24 11.74 22.64 -8.18
N ARG C 25 12.55 21.85 -8.90
CA ARG C 25 13.84 22.34 -9.35
C ARG C 25 13.70 23.54 -10.27
N GLU C 26 12.54 23.67 -10.96
CA GLU C 26 12.19 24.86 -11.74
C GLU C 26 11.68 26.02 -10.88
N ARG C 27 11.59 25.88 -9.56
CA ARG C 27 10.97 26.90 -8.68
C ARG C 27 9.46 26.95 -8.86
N ILE C 28 8.85 25.81 -9.18
CA ILE C 28 7.41 25.71 -9.34
C ILE C 28 6.81 24.94 -8.17
N VAL C 29 5.81 25.52 -7.54
CA VAL C 29 5.03 24.85 -6.49
C VAL C 29 3.61 24.67 -6.98
N CYS C 30 3.09 23.45 -6.86
CA CYS C 30 1.78 23.07 -7.36
C CYS C 30 0.78 23.09 -6.22
N VAL C 31 -0.34 23.75 -6.45
CA VAL C 31 -1.46 23.76 -5.53
C VAL C 31 -2.63 23.19 -6.31
N MET C 32 -2.77 21.88 -6.31
CA MET C 32 -3.79 21.16 -7.05
C MET C 32 -4.74 20.47 -6.07
N GLY C 33 -6.01 20.54 -6.37
CA GLY C 33 -7.00 19.81 -5.61
C GLY C 33 -7.28 20.51 -4.30
N PRO C 34 -8.14 19.91 -3.49
CA PRO C 34 -8.53 20.55 -2.23
C PRO C 34 -7.32 20.91 -1.37
N ILE C 35 -7.44 22.05 -0.70
CA ILE C 35 -6.44 22.51 0.24
C ILE C 35 -6.83 21.99 1.63
N ASP C 36 -5.92 21.25 2.27
CA ASP C 36 -6.07 20.84 3.65
C ASP C 36 -4.72 21.01 4.35
N ASP C 37 -4.66 20.62 5.63
CA ASP C 37 -3.45 20.77 6.42
C ASP C 37 -2.26 20.07 5.75
N SER C 38 -2.48 18.87 5.23
CA SER C 38 -1.40 18.16 4.53
C SER C 38 -0.87 18.94 3.32
N VAL C 39 -1.76 19.36 2.45
CA VAL C 39 -1.31 20.16 1.31
C VAL C 39 -0.56 21.42 1.79
N ALA C 40 -1.11 22.11 2.78
CA ALA C 40 -0.49 23.34 3.24
C ALA C 40 0.91 23.09 3.75
N SER C 41 1.11 22.00 4.50
CA SER C 41 2.44 21.73 5.05
C SER C 41 3.47 21.52 3.93
N LEU C 42 3.08 20.78 2.90
CA LEU C 42 3.97 20.52 1.78
C LEU C 42 4.25 21.77 0.96
N VAL C 43 3.21 22.55 0.68
CA VAL C 43 3.41 23.81 -0.03
C VAL C 43 4.33 24.72 0.77
N ILE C 44 4.09 24.83 2.08
CA ILE C 44 4.90 25.73 2.88
C ILE C 44 6.34 25.24 2.91
N ALA C 45 6.54 23.93 3.08
CA ALA C 45 7.91 23.44 3.11
C ALA C 45 8.63 23.82 1.83
N GLN C 46 7.92 23.81 0.71
CA GLN C 46 8.54 24.07 -0.58
C GLN C 46 8.85 25.54 -0.79
N LEU C 47 7.93 26.42 -0.38
CA LEU C 47 8.17 27.86 -0.48
C LEU C 47 9.38 28.27 0.35
N LEU C 48 9.48 27.74 1.59
CA LEU C 48 10.60 28.05 2.47
C LEU C 48 11.87 27.48 1.90
N PHE C 49 11.79 26.26 1.36
CA PHE C 49 12.97 25.67 0.73
C PHE C 49 13.46 26.57 -0.41
N LEU C 50 12.55 26.98 -1.30
CA LEU C 50 12.98 27.75 -2.46
C LEU C 50 13.57 29.09 -2.03
N GLN C 51 13.01 29.72 -0.97
CA GLN C 51 13.60 30.96 -0.46
C GLN C 51 15.03 30.75 0.00
N SER C 52 15.30 29.63 0.70
CA SER C 52 16.64 29.40 1.21
C SER C 52 17.63 29.18 0.09
N GLU C 53 17.18 28.67 -1.08
CA GLU C 53 18.05 28.56 -2.24
C GLU C 53 18.33 29.93 -2.86
N SER C 54 17.34 30.81 -2.89
CA SER C 54 17.53 32.19 -3.29
C SER C 54 16.31 33.00 -2.86
N ASN C 55 16.54 34.10 -2.13
CA ASN C 55 15.45 34.95 -1.68
C ASN C 55 15.14 36.06 -2.70
N LYS C 56 15.68 35.95 -3.91
CA LYS C 56 15.43 36.90 -4.99
C LYS C 56 14.80 36.27 -6.22
N LYS C 57 15.21 35.04 -6.58
CA LYS C 57 14.65 34.40 -7.76
C LYS C 57 13.14 34.24 -7.57
N PRO C 58 12.34 34.55 -8.59
CA PRO C 58 10.89 34.33 -8.48
C PRO C 58 10.52 32.88 -8.19
N ILE C 59 9.37 32.71 -7.52
CA ILE C 59 8.74 31.42 -7.24
C ILE C 59 7.44 31.43 -8.00
N HIS C 60 7.13 30.30 -8.65
CA HIS C 60 5.88 30.16 -9.39
C HIS C 60 4.95 29.20 -8.68
N MET C 61 3.69 29.62 -8.48
CA MET C 61 2.69 28.80 -7.82
C MET C 61 1.59 28.50 -8.84
N TYR C 62 1.44 27.23 -9.20
CA TYR C 62 0.46 26.76 -10.16
C TYR C 62 -0.78 26.31 -9.39
N ILE C 63 -1.93 26.91 -9.67
CA ILE C 63 -3.13 26.73 -8.86
C ILE C 63 -4.21 26.12 -9.74
N ASN C 64 -4.74 24.97 -9.33
CA ASN C 64 -5.92 24.38 -9.99
C ASN C 64 -6.68 23.78 -8.82
N SER C 65 -7.53 24.58 -8.19
CA SER C 65 -8.07 24.17 -6.90
C SER C 65 -9.52 24.60 -6.73
N PRO C 66 -10.37 23.71 -6.20
CA PRO C 66 -11.72 24.14 -5.79
C PRO C 66 -11.78 24.81 -4.45
N GLY C 67 -10.64 25.02 -3.79
CA GLY C 67 -10.62 25.54 -2.44
C GLY C 67 -10.29 24.51 -1.38
N GLY C 68 -10.72 24.79 -0.16
CA GLY C 68 -10.57 23.83 0.92
C GLY C 68 -10.62 24.50 2.30
N VAL C 69 -9.83 23.94 3.23
CA VAL C 69 -9.86 24.37 4.64
C VAL C 69 -9.31 25.78 4.77
N VAL C 70 -10.11 26.68 5.36
CA VAL C 70 -9.77 28.10 5.36
C VAL C 70 -8.45 28.31 6.08
N THR C 71 -8.30 27.75 7.28
CA THR C 71 -7.09 27.98 8.07
C THR C 71 -5.86 27.43 7.35
N ALA C 72 -6.03 26.33 6.61
CA ALA C 72 -4.88 25.81 5.85
C ALA C 72 -4.51 26.75 4.72
N GLY C 73 -5.52 27.33 4.07
CA GLY C 73 -5.26 28.32 3.03
C GLY C 73 -4.66 29.60 3.59
N LEU C 74 -5.05 29.99 4.81
CA LEU C 74 -4.45 31.16 5.44
C LEU C 74 -3.00 30.89 5.82
N ALA C 75 -2.68 29.64 6.18
CA ALA C 75 -1.28 29.33 6.49
C ALA C 75 -0.41 29.54 5.25
N ILE C 76 -0.88 29.08 4.10
CA ILE C 76 -0.15 29.29 2.83
C ILE C 76 -0.08 30.78 2.50
N TYR C 77 -1.19 31.48 2.66
CA TYR C 77 -1.21 32.90 2.35
C TYR C 77 -0.16 33.61 3.18
N ASP C 78 -0.14 33.34 4.47
CA ASP C 78 0.84 34.04 5.32
C ASP C 78 2.27 33.74 4.92
N THR C 79 2.54 32.52 4.43
CA THR C 79 3.93 32.16 4.10
C THR C 79 4.38 32.88 2.84
N MET C 80 3.42 32.97 1.89
CA MET C 80 3.61 33.70 0.65
C MET C 80 3.98 35.16 0.92
N GLN C 81 3.28 35.79 1.85
CA GLN C 81 3.57 37.16 2.24
C GLN C 81 4.86 37.25 3.01
N TYR C 82 5.19 36.23 3.81
CA TYR C 82 6.38 36.27 4.64
C TYR C 82 7.68 36.20 3.82
N ILE C 83 7.75 35.30 2.83
CA ILE C 83 9.00 35.16 2.09
C ILE C 83 9.27 36.42 1.26
N LEU C 84 10.56 36.70 1.03
CA LEU C 84 10.95 37.91 0.29
C LEU C 84 10.77 37.78 -1.22
N ASN C 85 10.73 36.56 -1.74
CA ASN C 85 10.76 36.35 -3.18
C ASN C 85 9.54 36.97 -3.85
N PRO C 86 9.69 37.52 -5.04
CA PRO C 86 8.52 37.71 -5.90
C PRO C 86 7.81 36.38 -6.09
N ILE C 87 6.48 36.37 -6.12
CA ILE C 87 5.75 35.13 -6.32
C ILE C 87 4.78 35.30 -7.48
N CYS C 88 4.97 34.50 -8.53
CA CYS C 88 4.08 34.50 -9.69
C CYS C 88 3.02 33.42 -9.48
N THR C 89 1.76 33.81 -9.52
CA THR C 89 0.66 32.85 -9.46
C THR C 89 0.10 32.62 -10.87
N TRP C 90 -0.29 31.37 -11.16
CA TRP C 90 -0.81 30.94 -12.46
C TRP C 90 -2.04 30.08 -12.20
N CYS C 91 -3.17 30.45 -12.79
CA CYS C 91 -4.41 29.69 -12.65
C CYS C 91 -4.67 28.87 -13.92
N VAL C 92 -4.82 27.58 -13.75
CA VAL C 92 -5.23 26.71 -14.85
C VAL C 92 -6.42 25.91 -14.33
N GLY C 93 -7.42 25.69 -15.17
CA GLY C 93 -8.57 24.97 -14.71
C GLY C 93 -9.51 25.84 -13.89
N GLN C 94 -9.28 25.92 -12.58
CA GLN C 94 -10.10 26.80 -11.77
C GLN C 94 -9.34 27.26 -10.52
N ALA C 95 -9.78 28.40 -9.99
CA ALA C 95 -9.32 28.88 -8.70
C ALA C 95 -10.58 29.33 -7.97
N ALA C 96 -11.08 28.50 -7.07
CA ALA C 96 -12.31 28.79 -6.36
C ALA C 96 -12.05 28.88 -4.85
N SER C 97 -12.61 29.90 -4.21
CA SER C 97 -12.61 30.07 -2.74
C SER C 97 -11.17 30.30 -2.32
N MET C 98 -10.63 29.53 -1.37
CA MET C 98 -9.24 29.70 -0.97
C MET C 98 -8.32 29.66 -2.19
N GLY C 99 -8.65 28.83 -3.18
CA GLY C 99 -7.90 28.87 -4.42
C GLY C 99 -7.73 30.26 -4.96
N SER C 100 -8.83 31.02 -5.06
CA SER C 100 -8.75 32.34 -5.65
C SER C 100 -8.09 33.35 -4.72
N LEU C 101 -8.07 33.09 -3.42
CA LEU C 101 -7.36 33.96 -2.51
C LEU C 101 -5.85 33.87 -2.74
N LEU C 102 -5.33 32.64 -2.88
CA LEU C 102 -3.91 32.45 -3.15
C LEU C 102 -3.50 33.05 -4.49
N LEU C 103 -4.35 32.91 -5.52
CA LEU C 103 -4.09 33.50 -6.84
C LEU C 103 -4.03 35.02 -6.74
N ALA C 104 -4.98 35.63 -6.05
CA ALA C 104 -4.97 37.08 -5.88
C ALA C 104 -3.83 37.55 -4.99
N ALA C 105 -3.21 36.66 -4.19
CA ALA C 105 -2.14 37.05 -3.28
C ALA C 105 -0.75 37.05 -3.93
N GLY C 106 -0.64 36.72 -5.21
CA GLY C 106 0.64 36.81 -5.85
C GLY C 106 1.18 38.24 -5.88
N THR C 107 2.46 38.32 -6.18
CA THR C 107 3.10 39.64 -6.29
C THR C 107 2.41 40.49 -7.36
N PRO C 108 2.16 41.78 -7.08
CA PRO C 108 1.45 42.63 -8.07
C PRO C 108 2.12 42.70 -9.43
N GLY C 109 1.30 42.68 -10.49
CA GLY C 109 1.77 42.50 -11.85
C GLY C 109 2.08 41.06 -12.21
N MET C 110 2.14 40.14 -11.24
CA MET C 110 2.59 38.78 -11.55
C MET C 110 1.50 37.71 -11.37
N ARG C 111 0.24 38.09 -11.50
CA ARG C 111 -0.88 37.17 -11.30
C ARG C 111 -1.52 36.87 -12.64
N HIS C 112 -1.50 35.59 -13.05
CA HIS C 112 -1.90 35.21 -14.39
C HIS C 112 -2.99 34.14 -14.38
N SER C 113 -3.74 34.08 -15.47
CA SER C 113 -4.62 32.94 -15.77
C SER C 113 -4.53 32.55 -17.24
N LEU C 114 -4.67 31.23 -17.50
CA LEU C 114 -4.90 30.72 -18.85
C LEU C 114 -6.33 31.06 -19.25
N PRO C 115 -6.65 30.95 -20.56
CA PRO C 115 -7.84 31.68 -21.07
C PRO C 115 -9.16 31.06 -20.68
N ASN C 116 -9.22 29.75 -20.48
CA ASN C 116 -10.46 29.05 -20.20
C ASN C 116 -10.66 28.73 -18.71
N SER C 117 -9.84 29.30 -17.84
CA SER C 117 -10.02 29.10 -16.41
C SER C 117 -11.29 29.77 -15.90
N ARG C 118 -11.79 29.25 -14.78
CA ARG C 118 -12.92 29.80 -14.03
C ARG C 118 -12.44 30.21 -12.63
N ILE C 119 -12.86 31.39 -12.17
CA ILE C 119 -12.42 31.97 -10.91
C ILE C 119 -13.63 32.35 -10.06
N MET C 120 -13.64 31.94 -8.80
CA MET C 120 -14.74 32.24 -7.90
C MET C 120 -14.22 32.72 -6.56
N ILE C 121 -14.76 33.84 -6.06
CA ILE C 121 -14.43 34.25 -4.70
C ILE C 121 -15.57 34.00 -3.70
N HIS C 122 -16.75 33.62 -4.15
CA HIS C 122 -17.77 33.10 -3.25
C HIS C 122 -17.23 31.89 -2.49
N GLN C 123 -17.52 31.83 -1.21
CA GLN C 123 -17.04 30.77 -0.34
C GLN C 123 -18.14 29.73 -0.14
N PRO C 124 -17.84 28.43 -0.11
CA PRO C 124 -18.91 27.43 -0.13
C PRO C 124 -19.59 27.25 1.22
N SER C 125 -20.81 26.70 1.16
CA SER C 125 -21.69 26.35 2.29
C SER C 125 -22.77 27.41 2.48
N ILE C 137 -17.16 24.19 15.28
CA ILE C 137 -16.91 25.64 15.32
C ILE C 137 -18.10 26.60 15.37
N GLN C 138 -17.98 27.66 16.18
CA GLN C 138 -19.07 28.54 16.59
C GLN C 138 -19.35 29.68 15.59
N ALA C 139 -20.54 30.27 15.72
CA ALA C 139 -21.00 31.25 14.74
C ALA C 139 -20.09 32.48 14.67
N GLU C 140 -19.73 33.04 15.83
CA GLU C 140 -18.83 34.18 15.90
C GLU C 140 -17.48 33.86 15.24
N GLU C 141 -17.00 32.63 15.41
CA GLU C 141 -15.71 32.29 14.82
C GLU C 141 -15.82 32.13 13.31
N ILE C 142 -16.96 31.69 12.79
CA ILE C 142 -17.11 31.61 11.33
C ILE C 142 -17.09 33.00 10.71
N MET C 143 -17.67 33.99 11.39
CA MET C 143 -17.66 35.32 10.79
C MET C 143 -16.31 36.01 10.95
N LYS C 144 -15.61 35.76 12.07
CA LYS C 144 -14.26 36.30 12.23
C LYS C 144 -13.38 35.83 11.10
N LEU C 145 -13.49 34.55 10.73
CA LEU C 145 -12.70 34.05 9.61
C LEU C 145 -13.13 34.70 8.30
N LYS C 146 -14.44 34.85 8.10
CA LYS C 146 -14.91 35.44 6.84
C LYS C 146 -14.45 36.88 6.73
N LYS C 147 -14.43 37.61 7.87
CA LYS C 147 -13.89 38.96 7.87
C LYS C 147 -12.41 38.99 7.52
N GLN C 148 -11.64 38.00 7.94
CA GLN C 148 -10.25 37.96 7.52
C GLN C 148 -10.14 37.80 6.02
N LEU C 149 -11.04 37.04 5.44
CA LEU C 149 -10.99 36.87 3.99
C LEU C 149 -11.40 38.15 3.26
N TYR C 150 -12.45 38.84 3.75
CA TYR C 150 -12.80 40.14 3.15
C TYR C 150 -11.61 41.11 3.16
N ASN C 151 -10.92 41.21 4.31
CA ASN C 151 -9.78 42.13 4.38
C ASN C 151 -8.67 41.71 3.44
N ILE C 152 -8.44 40.41 3.30
CA ILE C 152 -7.37 39.98 2.40
C ILE C 152 -7.73 40.29 0.96
N TYR C 153 -8.97 39.99 0.55
CA TYR C 153 -9.36 40.23 -0.83
C TYR C 153 -9.34 41.74 -1.15
N ALA C 154 -9.76 42.58 -0.19
CA ALA C 154 -9.78 44.02 -0.41
C ALA C 154 -8.36 44.56 -0.58
N LYS C 155 -7.43 44.05 0.21
CA LYS C 155 -6.06 44.53 0.10
C LYS C 155 -5.51 44.21 -1.28
N HIS C 156 -5.72 42.98 -1.76
CA HIS C 156 -4.99 42.58 -2.96
C HIS C 156 -5.74 42.94 -4.24
N THR C 157 -7.06 43.08 -4.19
CA THR C 157 -7.80 43.57 -5.35
C THR C 157 -7.90 45.09 -5.41
N LYS C 158 -7.77 45.76 -4.26
CA LYS C 158 -7.89 47.20 -4.08
C LYS C 158 -9.34 47.66 -4.16
N GLN C 159 -10.29 46.74 -4.06
CA GLN C 159 -11.67 47.10 -3.89
C GLN C 159 -11.96 47.45 -2.43
N SER C 160 -13.02 48.20 -2.23
CA SER C 160 -13.53 48.46 -0.88
C SER C 160 -14.11 47.18 -0.25
N LEU C 161 -14.21 47.20 1.09
CA LEU C 161 -14.84 46.08 1.80
C LEU C 161 -16.25 45.83 1.32
N GLN C 162 -17.04 46.90 1.13
CA GLN C 162 -18.42 46.74 0.70
C GLN C 162 -18.51 46.09 -0.67
N VAL C 163 -17.61 46.43 -1.58
CA VAL C 163 -17.63 45.78 -2.90
C VAL C 163 -17.25 44.31 -2.78
N ILE C 164 -16.29 43.98 -1.91
CA ILE C 164 -15.89 42.58 -1.73
C ILE C 164 -17.03 41.75 -1.14
N GLU C 165 -17.73 42.29 -0.16
CA GLU C 165 -18.80 41.53 0.47
C GLU C 165 -19.95 41.22 -0.50
N SER C 166 -20.41 42.23 -1.23
CA SER C 166 -21.49 41.99 -2.19
C SER C 166 -21.05 40.98 -3.24
N ALA C 167 -19.81 41.09 -3.71
CA ALA C 167 -19.34 40.18 -4.76
C ALA C 167 -19.27 38.75 -4.24
N MET C 168 -18.91 38.57 -2.99
CA MET C 168 -18.75 37.24 -2.43
C MET C 168 -20.07 36.56 -2.11
N GLU C 169 -21.13 37.31 -1.93
CA GLU C 169 -22.39 36.62 -1.76
C GLU C 169 -22.98 36.15 -3.09
N ARG C 170 -22.46 36.59 -4.25
CA ARG C 170 -22.95 36.06 -5.52
C ARG C 170 -22.34 34.67 -5.79
N ASP C 171 -23.21 33.68 -5.92
CA ASP C 171 -22.82 32.30 -6.19
C ASP C 171 -22.53 32.15 -7.67
N ARG C 172 -21.30 32.44 -8.09
CA ARG C 172 -20.98 32.39 -9.51
C ARG C 172 -19.48 32.37 -9.74
N TYR C 173 -19.10 31.93 -10.92
CA TYR C 173 -17.73 32.05 -11.39
C TYR C 173 -17.57 33.28 -12.28
N MET C 174 -16.34 33.75 -12.37
CA MET C 174 -15.92 34.75 -13.33
C MET C 174 -14.96 34.15 -14.36
N SER C 175 -14.95 34.76 -15.54
CA SER C 175 -13.93 34.52 -16.54
C SER C 175 -12.62 35.22 -16.14
N PRO C 176 -11.49 34.80 -16.72
CA PRO C 176 -10.23 35.50 -16.40
C PRO C 176 -10.28 37.00 -16.66
N MET C 177 -10.94 37.44 -17.75
CA MET C 177 -11.01 38.88 -18.04
C MET C 177 -11.81 39.62 -16.98
N GLU C 178 -12.93 39.05 -16.54
CA GLU C 178 -13.65 39.70 -15.46
C GLU C 178 -12.81 39.77 -14.19
N ALA C 179 -12.09 38.70 -13.90
CA ALA C 179 -11.28 38.67 -12.68
C ALA C 179 -10.13 39.66 -12.82
N GLN C 180 -9.68 39.92 -14.06
CA GLN C 180 -8.69 40.97 -14.27
C GLN C 180 -9.29 42.34 -13.96
N GLU C 181 -10.50 42.62 -14.45
CA GLU C 181 -11.12 43.91 -14.16
C GLU C 181 -11.29 44.14 -12.66
N PHE C 182 -11.66 43.08 -11.93
CA PHE C 182 -11.94 43.16 -10.50
C PHE C 182 -10.68 43.35 -9.67
N GLY C 183 -9.51 42.95 -10.18
CA GLY C 183 -8.27 43.06 -9.44
C GLY C 183 -7.71 41.76 -8.86
N ILE C 184 -8.26 40.61 -9.25
CA ILE C 184 -7.75 39.33 -8.76
C ILE C 184 -6.52 38.93 -9.56
N LEU C 185 -6.52 39.25 -10.85
CA LEU C 185 -5.42 38.93 -11.72
C LEU C 185 -4.91 40.16 -12.43
N ASP C 186 -3.68 40.07 -12.96
CA ASP C 186 -3.11 41.12 -13.82
C ASP C 186 -3.11 40.76 -15.29
N LYS C 187 -2.92 39.50 -15.64
CA LYS C 187 -2.67 39.14 -17.03
C LYS C 187 -3.41 37.86 -17.38
N VAL C 188 -4.05 37.86 -18.55
CA VAL C 188 -4.61 36.64 -19.13
C VAL C 188 -3.76 36.27 -20.34
N LEU C 189 -3.32 35.00 -20.38
CA LEU C 189 -2.35 34.50 -21.35
C LEU C 189 -2.99 33.63 -22.42
N VAL C 190 -2.21 33.34 -23.46
CA VAL C 190 -2.54 32.31 -24.45
C VAL C 190 -1.28 31.49 -24.75
N HIS C 191 -0.12 32.17 -24.80
CA HIS C 191 1.17 31.59 -25.18
C HIS C 191 2.27 32.47 -24.58
N PRO C 192 3.56 32.01 -24.62
CA PRO C 192 4.57 32.70 -23.79
C PRO C 192 4.83 34.19 -24.06
N ILE D 3 5.85 13.02 -1.87
CA ILE D 3 6.78 13.94 -1.23
C ILE D 3 7.92 14.24 -2.22
N PRO D 4 8.09 15.49 -2.63
CA PRO D 4 9.20 15.82 -3.55
C PRO D 4 10.58 15.64 -2.92
N ILE D 5 11.57 15.59 -3.81
CA ILE D 5 12.97 15.28 -3.52
C ILE D 5 13.83 16.51 -3.82
N VAL D 6 14.86 16.74 -2.99
CA VAL D 6 15.76 17.87 -3.18
C VAL D 6 17.22 17.48 -2.94
N VAL D 7 18.09 18.06 -3.75
CA VAL D 7 19.54 17.99 -3.54
C VAL D 7 20.03 18.93 -2.43
N GLU D 14 26.86 15.22 -4.32
CA GLU D 14 26.56 15.20 -2.91
C GLU D 14 25.27 14.39 -2.65
N ARG D 15 24.29 14.98 -1.93
CA ARG D 15 23.23 14.22 -1.27
C ARG D 15 21.84 14.74 -1.64
N ALA D 16 20.86 13.81 -1.62
CA ALA D 16 19.49 14.10 -2.01
C ALA D 16 18.52 13.57 -0.96
N TYR D 17 17.50 14.38 -0.63
CA TYR D 17 16.58 14.08 0.46
C TYR D 17 15.14 14.45 0.10
N ASP D 18 14.18 13.69 0.62
CA ASP D 18 12.81 14.17 0.61
C ASP D 18 12.71 15.44 1.45
N ILE D 19 11.72 16.28 1.14
CA ILE D 19 11.73 17.63 1.70
C ILE D 19 11.49 17.62 3.21
N TYR D 20 10.75 16.65 3.75
CA TYR D 20 10.56 16.54 5.20
C TYR D 20 11.87 16.16 5.91
N SER D 21 12.69 15.31 5.30
CA SER D 21 14.04 15.09 5.84
C SER D 21 14.86 16.36 5.80
N ARG D 22 14.69 17.14 4.74
CA ARG D 22 15.48 18.37 4.61
C ARG D 22 15.10 19.37 5.70
N LEU D 23 13.81 19.43 6.02
CA LEU D 23 13.34 20.21 7.16
C LEU D 23 14.08 19.83 8.45
N LEU D 24 14.14 18.53 8.77
CA LEU D 24 14.82 18.11 9.98
C LEU D 24 16.30 18.49 9.97
N ARG D 25 16.93 18.45 8.80
CA ARG D 25 18.30 18.92 8.71
C ARG D 25 18.44 20.40 9.06
N GLU D 26 17.39 21.23 8.82
CA GLU D 26 17.38 22.63 9.26
C GLU D 26 17.04 22.80 10.74
N ARG D 27 16.81 21.71 11.47
CA ARG D 27 16.41 21.71 12.90
C ARG D 27 14.97 22.18 13.08
N ILE D 28 14.15 21.90 12.08
CA ILE D 28 12.71 22.16 12.12
C ILE D 28 11.97 20.85 12.40
N VAL D 29 11.07 20.87 13.37
CA VAL D 29 10.20 19.73 13.70
C VAL D 29 8.76 20.17 13.49
N CYS D 30 8.00 19.42 12.72
CA CYS D 30 6.63 19.83 12.39
C CYS D 30 5.61 19.11 13.24
N VAL D 31 4.69 19.88 13.82
CA VAL D 31 3.52 19.33 14.50
C VAL D 31 2.31 19.82 13.71
N MET D 32 1.98 19.10 12.65
CA MET D 32 0.83 19.44 11.82
C MET D 32 -0.25 18.38 12.04
N GLY D 33 -1.45 18.83 12.29
CA GLY D 33 -2.57 17.93 12.32
C GLY D 33 -2.78 17.37 13.70
N PRO D 34 -3.75 16.46 13.82
CA PRO D 34 -4.12 15.92 15.13
C PRO D 34 -2.98 15.17 15.78
N ILE D 35 -2.87 15.35 17.09
CA ILE D 35 -1.77 14.82 17.88
C ILE D 35 -2.26 13.51 18.48
N ASP D 36 -1.58 12.42 18.15
CA ASP D 36 -1.84 11.11 18.75
C ASP D 36 -0.49 10.54 19.13
N ASP D 37 -0.52 9.33 19.67
CA ASP D 37 0.69 8.69 20.17
C ASP D 37 1.76 8.52 19.10
N SER D 38 1.39 8.21 17.86
CA SER D 38 2.46 8.05 16.88
C SER D 38 3.05 9.40 16.41
N VAL D 39 2.24 10.45 16.30
CA VAL D 39 2.80 11.77 16.03
C VAL D 39 3.77 12.13 17.16
N ALA D 40 3.37 11.85 18.41
CA ALA D 40 4.21 12.20 19.56
C ALA D 40 5.50 11.40 19.59
N SER D 41 5.45 10.11 19.27
CA SER D 41 6.70 9.37 19.29
C SER D 41 7.65 9.89 18.20
N LEU D 42 7.11 10.35 17.06
CA LEU D 42 7.97 10.85 15.98
C LEU D 42 8.56 12.22 16.32
N VAL D 43 7.74 13.15 16.81
CA VAL D 43 8.24 14.44 17.28
C VAL D 43 9.27 14.27 18.39
N ILE D 44 9.01 13.37 19.31
CA ILE D 44 9.97 13.14 20.38
C ILE D 44 11.28 12.59 19.83
N ALA D 45 11.20 11.58 18.96
CA ALA D 45 12.43 11.04 18.39
C ALA D 45 13.24 12.15 17.73
N GLN D 46 12.56 13.07 17.09
CA GLN D 46 13.24 14.14 16.39
C GLN D 46 13.82 15.15 17.35
N LEU D 47 13.11 15.47 18.44
CA LEU D 47 13.68 16.41 19.41
C LEU D 47 14.96 15.84 20.04
N LEU D 48 14.95 14.56 20.42
CA LEU D 48 16.11 14.01 21.09
C LEU D 48 17.27 13.84 20.12
N PHE D 49 16.99 13.48 18.87
CA PHE D 49 18.06 13.45 17.88
C PHE D 49 18.70 14.81 17.70
N LEU D 50 17.89 15.86 17.60
CA LEU D 50 18.45 17.18 17.36
C LEU D 50 19.28 17.62 18.56
N GLN D 51 18.87 17.24 19.77
CA GLN D 51 19.66 17.56 20.95
C GLN D 51 21.02 16.85 20.92
N SER D 52 21.07 15.57 20.50
CA SER D 52 22.35 14.86 20.38
C SER D 52 23.25 15.47 19.29
N GLU D 53 22.70 16.13 18.28
CA GLU D 53 23.57 16.76 17.28
C GLU D 53 24.19 18.07 17.78
N SER D 54 23.40 18.89 18.49
CA SER D 54 23.92 20.03 19.23
C SER D 54 23.01 20.32 20.41
N ASN D 55 23.58 20.34 21.61
CA ASN D 55 22.77 20.55 22.81
C ASN D 55 22.33 22.00 22.97
N LYS D 56 23.02 22.94 22.31
CA LYS D 56 22.82 24.37 22.53
C LYS D 56 22.12 25.05 21.38
N LYS D 57 22.22 24.47 20.19
CA LYS D 57 21.69 25.10 19.00
C LYS D 57 20.17 25.07 19.06
N PRO D 58 19.49 26.18 18.71
CA PRO D 58 18.02 26.20 18.80
C PRO D 58 17.36 25.17 17.89
N ILE D 59 16.19 24.72 18.33
CA ILE D 59 15.30 23.89 17.55
C ILE D 59 14.07 24.72 17.24
N HIS D 60 13.53 24.55 16.03
CA HIS D 60 12.29 25.22 15.62
C HIS D 60 11.14 24.22 15.49
N MET D 61 10.01 24.52 16.13
CA MET D 61 8.82 23.68 16.10
C MET D 61 7.76 24.46 15.34
N TYR D 62 7.28 23.88 14.25
CA TYR D 62 6.19 24.44 13.43
C TYR D 62 4.88 23.76 13.80
N ILE D 63 3.90 24.55 14.27
CA ILE D 63 2.62 24.09 14.81
C ILE D 63 1.48 24.58 13.93
N ASN D 64 0.76 23.65 13.30
CA ASN D 64 -0.52 23.90 12.66
C ASN D 64 -1.40 22.72 13.07
N SER D 65 -2.10 22.85 14.20
CA SER D 65 -2.82 21.71 14.74
C SER D 65 -4.14 22.02 15.42
N PRO D 66 -5.14 21.14 15.28
CA PRO D 66 -6.41 21.33 16.00
C PRO D 66 -6.41 20.69 17.37
N GLY D 67 -5.28 20.13 17.81
CA GLY D 67 -5.25 19.48 19.10
C GLY D 67 -5.07 17.97 18.99
N GLY D 68 -5.53 17.20 19.96
CA GLY D 68 -5.41 15.76 19.91
C GLY D 68 -5.39 15.18 21.31
N VAL D 69 -4.75 14.01 21.41
CA VAL D 69 -4.78 13.26 22.65
C VAL D 69 -3.95 13.96 23.72
N VAL D 70 -4.56 14.19 24.89
CA VAL D 70 -3.89 14.96 25.93
C VAL D 70 -2.59 14.31 26.39
N THR D 71 -2.62 13.03 26.72
CA THR D 71 -1.40 12.40 27.22
C THR D 71 -0.29 12.46 26.16
N ALA D 72 -0.67 12.39 24.88
CA ALA D 72 0.35 12.52 23.83
C ALA D 72 0.88 13.94 23.72
N GLY D 73 -0.01 14.94 23.88
CA GLY D 73 0.43 16.32 23.97
C GLY D 73 1.39 16.55 25.13
N LEU D 74 1.09 15.96 26.29
CA LEU D 74 1.96 16.14 27.47
C LEU D 74 3.29 15.45 27.29
N ALA D 75 3.31 14.33 26.55
CA ALA D 75 4.55 13.66 26.28
C ALA D 75 5.49 14.53 25.43
N ILE D 76 4.94 15.24 24.44
CA ILE D 76 5.73 16.22 23.71
C ILE D 76 6.14 17.36 24.62
N TYR D 77 5.19 17.87 25.40
CA TYR D 77 5.52 18.95 26.31
C TYR D 77 6.71 18.59 27.20
N ASP D 78 6.62 17.47 27.92
CA ASP D 78 7.69 17.04 28.83
C ASP D 78 9.04 16.89 28.11
N THR D 79 9.03 16.45 26.85
CA THR D 79 10.28 16.33 26.13
C THR D 79 10.87 17.70 25.82
N MET D 80 10.01 18.65 25.40
CA MET D 80 10.43 20.02 25.13
C MET D 80 11.06 20.63 26.38
N GLN D 81 10.43 20.43 27.54
CA GLN D 81 11.02 20.91 28.80
C GLN D 81 12.29 20.16 29.17
N TYR D 82 12.40 18.89 28.76
CA TYR D 82 13.52 18.05 29.17
C TYR D 82 14.81 18.45 28.45
N ILE D 83 14.75 18.71 27.12
CA ILE D 83 16.00 18.87 26.38
C ILE D 83 16.65 20.20 26.77
N LEU D 84 17.97 20.27 26.58
CA LEU D 84 18.72 21.50 26.85
C LEU D 84 18.48 22.61 25.83
N ASN D 85 17.97 22.29 24.63
CA ASN D 85 17.95 23.28 23.57
C ASN D 85 16.91 24.36 23.81
N PRO D 86 17.20 25.61 23.41
CA PRO D 86 16.14 26.61 23.19
C PRO D 86 15.22 26.08 22.11
N ILE D 87 13.92 26.34 22.25
CA ILE D 87 12.92 25.93 21.27
C ILE D 87 12.12 27.16 20.86
N CYS D 88 12.16 27.48 19.57
CA CYS D 88 11.29 28.47 18.97
C CYS D 88 10.03 27.78 18.46
N THR D 89 8.88 28.25 18.88
CA THR D 89 7.59 27.77 18.38
C THR D 89 7.05 28.76 17.36
N TRP D 90 6.48 28.25 16.27
CA TRP D 90 5.87 29.04 15.20
C TRP D 90 4.50 28.49 14.88
N CYS D 91 3.47 29.34 14.95
CA CYS D 91 2.10 28.92 14.63
C CYS D 91 1.67 29.45 13.26
N VAL D 92 1.34 28.53 12.35
CA VAL D 92 0.63 28.91 11.13
C VAL D 92 -0.69 28.14 11.06
N GLY D 93 -1.68 28.76 10.44
CA GLY D 93 -3.00 28.15 10.41
C GLY D 93 -3.70 28.20 11.76
N GLN D 94 -3.43 27.25 12.65
CA GLN D 94 -4.08 27.28 13.96
C GLN D 94 -3.27 26.51 14.98
N ALA D 95 -3.49 26.85 16.25
CA ALA D 95 -2.95 26.08 17.38
C ALA D 95 -4.12 25.98 18.36
N ALA D 96 -4.85 24.85 18.36
CA ALA D 96 -6.02 24.73 19.23
C ALA D 96 -5.81 23.62 20.24
N SER D 97 -6.22 23.87 21.47
CA SER D 97 -6.19 22.89 22.57
C SER D 97 -4.74 22.48 22.78
N MET D 98 -4.36 21.21 22.62
CA MET D 98 -2.99 20.82 22.90
C MET D 98 -2.00 21.52 21.99
N GLY D 99 -2.38 21.80 20.74
CA GLY D 99 -1.53 22.59 19.86
C GLY D 99 -1.09 23.91 20.47
N SER D 100 -1.99 24.61 21.18
CA SER D 100 -1.63 25.92 21.76
C SER D 100 -0.85 25.74 23.04
N LEU D 101 -1.02 24.62 23.74
CA LEU D 101 -0.13 24.32 24.86
C LEU D 101 1.33 24.20 24.38
N LEU D 102 1.58 23.42 23.32
CA LEU D 102 2.93 23.31 22.78
C LEU D 102 3.46 24.66 22.30
N LEU D 103 2.61 25.50 21.68
CA LEU D 103 3.02 26.84 21.24
C LEU D 103 3.47 27.70 22.42
N ALA D 104 2.70 27.68 23.50
CA ALA D 104 3.02 28.44 24.69
C ALA D 104 4.21 27.89 25.42
N ALA D 105 4.55 26.63 25.18
CA ALA D 105 5.62 25.99 25.91
C ALA D 105 7.01 26.26 25.34
N GLY D 106 7.13 27.02 24.24
CA GLY D 106 8.44 27.38 23.74
C GLY D 106 9.21 28.30 24.69
N THR D 107 10.49 28.43 24.42
CA THR D 107 11.39 29.30 25.18
C THR D 107 10.84 30.72 25.29
N PRO D 108 10.85 31.32 26.48
CA PRO D 108 10.40 32.71 26.60
C PRO D 108 11.10 33.63 25.62
N GLY D 109 10.30 34.43 24.94
CA GLY D 109 10.80 35.34 23.95
C GLY D 109 10.91 34.75 22.56
N MET D 110 10.68 33.45 22.40
CA MET D 110 10.82 32.83 21.09
C MET D 110 9.55 32.14 20.61
N ARG D 111 8.38 32.61 21.06
CA ARG D 111 7.10 32.03 20.67
C ARG D 111 6.41 32.96 19.68
N HIS D 112 6.10 32.46 18.49
CA HIS D 112 5.67 33.30 17.39
C HIS D 112 4.38 32.81 16.75
N SER D 113 3.65 33.73 16.13
CA SER D 113 2.60 33.41 15.16
C SER D 113 2.77 34.26 13.90
N LEU D 114 2.43 33.70 12.74
CA LEU D 114 2.15 34.54 11.57
C LEU D 114 0.79 35.23 11.75
N PRO D 115 0.44 36.21 10.89
CA PRO D 115 -0.59 37.18 11.32
C PRO D 115 -2.02 36.65 11.27
N ASN D 116 -2.33 35.64 10.46
CA ASN D 116 -3.71 35.21 10.27
C ASN D 116 -4.06 33.91 11.02
N SER D 117 -3.14 33.42 11.86
CA SER D 117 -3.39 32.23 12.66
C SER D 117 -4.51 32.47 13.68
N ARG D 118 -5.14 31.38 14.11
CA ARG D 118 -6.18 31.38 15.13
C ARG D 118 -5.67 30.51 16.27
N ILE D 119 -5.83 30.95 17.49
CA ILE D 119 -5.30 30.25 18.64
C ILE D 119 -6.44 29.99 19.61
N MET D 120 -6.50 28.79 20.14
CA MET D 120 -7.55 28.44 21.07
C MET D 120 -7.02 27.57 22.19
N ILE D 121 -7.33 27.99 23.42
CA ILE D 121 -6.95 27.20 24.59
C ILE D 121 -8.13 26.44 25.21
N HIS D 122 -9.36 26.77 24.84
CA HIS D 122 -10.51 25.95 25.17
C HIS D 122 -10.25 24.51 24.71
N GLN D 123 -10.58 23.57 25.56
CA GLN D 123 -10.43 22.15 25.25
C GLN D 123 -11.73 21.59 24.66
N PRO D 124 -11.68 20.79 23.61
CA PRO D 124 -12.92 20.26 23.03
C PRO D 124 -13.58 19.28 24.00
N SER D 125 -14.86 19.05 23.80
CA SER D 125 -15.54 18.02 24.59
C SER D 125 -15.50 16.68 23.84
N ALA D 136 -11.18 5.23 28.16
CA ALA D 136 -12.46 5.91 28.39
C ALA D 136 -12.51 6.69 29.71
N ILE D 137 -11.73 6.20 30.66
CA ILE D 137 -11.47 6.81 31.96
C ILE D 137 -12.56 7.56 32.74
N GLN D 138 -12.37 7.58 34.05
CA GLN D 138 -13.30 8.06 35.05
C GLN D 138 -13.29 9.57 35.14
N ALA D 139 -14.34 10.10 35.78
CA ALA D 139 -14.50 11.55 35.90
C ALA D 139 -13.34 12.18 36.66
N GLU D 140 -12.86 11.50 37.72
CA GLU D 140 -11.77 12.05 38.53
C GLU D 140 -10.49 12.22 37.73
N GLU D 141 -10.23 11.30 36.80
CA GLU D 141 -9.03 11.37 35.99
C GLU D 141 -9.14 12.49 34.95
N ILE D 142 -10.33 12.70 34.40
CA ILE D 142 -10.47 13.79 33.46
C ILE D 142 -10.17 15.13 34.13
N MET D 143 -10.61 15.30 35.39
CA MET D 143 -10.31 16.55 36.09
C MET D 143 -8.85 16.61 36.48
N LYS D 144 -8.26 15.48 36.85
CA LYS D 144 -6.83 15.47 37.14
C LYS D 144 -6.06 15.98 35.93
N LEU D 145 -6.44 15.54 34.74
CA LEU D 145 -5.70 15.96 33.56
C LEU D 145 -5.99 17.41 33.23
N LYS D 146 -7.22 17.86 33.45
CA LYS D 146 -7.55 19.26 33.19
C LYS D 146 -6.71 20.17 34.09
N LYS D 147 -6.57 19.81 35.37
CA LYS D 147 -5.78 20.63 36.29
C LYS D 147 -4.30 20.65 35.89
N GLN D 148 -3.78 19.54 35.35
CA GLN D 148 -2.41 19.62 34.82
C GLN D 148 -2.34 20.64 33.69
N LEU D 149 -3.35 20.71 32.82
CA LEU D 149 -3.31 21.71 31.75
C LEU D 149 -3.36 23.13 32.33
N TYR D 150 -4.16 23.33 33.37
CA TYR D 150 -4.26 24.65 33.97
C TYR D 150 -2.91 25.06 34.52
N ASN D 151 -2.17 24.13 35.12
CA ASN D 151 -0.91 24.54 35.74
C ASN D 151 0.15 24.81 34.72
N ILE D 152 0.16 24.05 33.62
CA ILE D 152 1.10 24.34 32.55
C ILE D 152 0.79 25.68 31.89
N TYR D 153 -0.46 25.94 31.56
CA TYR D 153 -0.77 27.25 30.96
C TYR D 153 -0.47 28.40 31.92
N ALA D 154 -0.84 28.26 33.20
CA ALA D 154 -0.56 29.32 34.17
C ALA D 154 0.95 29.66 34.20
N LYS D 155 1.77 28.62 34.24
CA LYS D 155 3.21 28.73 34.35
C LYS D 155 3.83 29.46 33.16
N HIS D 156 3.48 29.06 31.93
CA HIS D 156 4.14 29.67 30.77
C HIS D 156 3.50 30.99 30.31
N THR D 157 2.22 31.27 30.63
CA THR D 157 1.61 32.57 30.29
C THR D 157 1.78 33.60 31.41
N LYS D 158 2.14 33.14 32.61
CA LYS D 158 2.26 33.97 33.83
C LYS D 158 0.91 34.55 34.25
N GLN D 159 -0.17 33.90 33.86
CA GLN D 159 -1.48 34.25 34.36
C GLN D 159 -1.81 33.41 35.60
N SER D 160 -2.74 33.91 36.40
CA SER D 160 -3.25 33.13 37.54
C SER D 160 -4.07 31.90 37.09
N LEU D 161 -4.14 30.92 38.01
CA LEU D 161 -5.02 29.78 37.81
C LEU D 161 -6.46 30.20 37.52
N GLN D 162 -6.96 31.16 38.29
CA GLN D 162 -8.35 31.54 38.11
C GLN D 162 -8.57 32.13 36.74
N VAL D 163 -7.63 32.94 36.25
CA VAL D 163 -7.74 33.54 34.92
C VAL D 163 -7.72 32.43 33.86
N ILE D 164 -6.82 31.44 34.01
CA ILE D 164 -6.73 30.39 33.00
C ILE D 164 -8.02 29.58 33.00
N GLU D 165 -8.51 29.23 34.19
CA GLU D 165 -9.75 28.46 34.29
C GLU D 165 -10.92 29.16 33.62
N SER D 166 -11.02 30.49 33.75
CA SER D 166 -12.15 31.20 33.16
C SER D 166 -11.99 31.37 31.65
N ALA D 167 -10.77 31.64 31.16
CA ALA D 167 -10.59 31.74 29.71
C ALA D 167 -10.83 30.41 28.99
N MET D 168 -10.53 29.29 29.64
CA MET D 168 -10.73 27.97 29.02
C MET D 168 -12.18 27.53 28.97
N GLU D 169 -13.03 28.11 29.80
CA GLU D 169 -14.47 27.89 29.68
C GLU D 169 -15.04 28.54 28.42
N ARG D 170 -14.37 29.55 27.86
CA ARG D 170 -14.90 30.24 26.68
C ARG D 170 -14.53 29.47 25.42
N ASP D 171 -15.56 29.02 24.69
CA ASP D 171 -15.48 28.37 23.39
C ASP D 171 -15.32 29.46 22.31
N ARG D 172 -14.08 29.89 22.16
CA ARG D 172 -13.71 30.88 21.17
C ARG D 172 -12.22 30.74 20.83
N TYR D 173 -11.84 31.40 19.75
CA TYR D 173 -10.46 31.51 19.27
C TYR D 173 -9.95 32.93 19.50
N MET D 174 -8.64 33.05 19.68
CA MET D 174 -7.97 34.33 19.86
C MET D 174 -7.20 34.66 18.60
N SER D 175 -7.01 35.94 18.33
CA SER D 175 -6.09 36.36 17.29
C SER D 175 -4.65 36.27 17.81
N PRO D 176 -3.67 36.35 16.94
CA PRO D 176 -2.30 36.32 17.44
C PRO D 176 -2.00 37.44 18.44
N MET D 177 -2.53 38.65 18.22
CA MET D 177 -2.24 39.75 19.12
C MET D 177 -2.92 39.57 20.47
N GLU D 178 -4.17 39.07 20.53
CA GLU D 178 -4.69 38.80 21.88
C GLU D 178 -3.96 37.63 22.55
N ALA D 179 -3.52 36.62 21.80
CA ALA D 179 -2.74 35.55 22.44
C ALA D 179 -1.43 36.10 22.97
N GLN D 180 -0.85 37.07 22.24
CA GLN D 180 0.35 37.76 22.71
C GLN D 180 0.09 38.47 24.03
N GLU D 181 -0.96 39.33 24.08
CA GLU D 181 -1.32 40.00 25.33
C GLU D 181 -1.68 39.02 26.45
N PHE D 182 -2.16 37.82 26.12
CA PHE D 182 -2.53 36.86 27.17
C PHE D 182 -1.33 36.07 27.68
N GLY D 183 -0.21 36.10 26.97
CA GLY D 183 1.00 35.41 27.40
C GLY D 183 1.27 34.10 26.67
N ILE D 184 0.49 33.77 25.64
CA ILE D 184 0.65 32.52 24.91
C ILE D 184 1.81 32.60 23.94
N LEU D 185 2.11 33.79 23.41
CA LEU D 185 3.24 33.97 22.52
C LEU D 185 3.86 35.37 22.69
N ASP D 186 5.02 35.55 22.07
CA ASP D 186 5.81 36.74 22.31
C ASP D 186 5.80 37.73 21.17
N LYS D 187 5.69 37.27 19.92
CA LYS D 187 5.85 38.10 18.75
C LYS D 187 4.90 37.65 17.65
N VAL D 188 4.21 38.59 17.02
CA VAL D 188 3.50 38.33 15.78
C VAL D 188 4.35 38.88 14.64
N LEU D 189 4.73 38.04 13.69
CA LEU D 189 5.65 38.48 12.64
C LEU D 189 5.00 38.37 11.28
N VAL D 190 5.28 39.36 10.40
CA VAL D 190 4.71 39.38 9.05
C VAL D 190 5.79 39.04 8.04
N HIS D 191 7.01 39.49 8.33
CA HIS D 191 8.20 39.40 7.48
C HIS D 191 9.40 39.01 8.33
N PRO D 192 10.47 38.52 7.71
CA PRO D 192 11.70 38.17 8.47
C PRO D 192 12.39 39.43 9.01
N PRO D 193 13.51 39.29 9.75
CA PRO D 193 13.93 40.40 10.61
C PRO D 193 14.73 41.51 9.94
N ILE E 3 8.29 8.87 7.65
CA ILE E 3 9.32 8.85 8.70
C ILE E 3 10.62 9.43 8.13
N PRO E 4 11.17 10.47 8.76
CA PRO E 4 12.30 11.17 8.13
C PRO E 4 13.61 10.40 8.25
N ILE E 5 14.53 10.77 7.36
CA ILE E 5 15.84 10.15 7.25
C ILE E 5 16.87 11.11 7.85
N VAL E 6 17.81 10.56 8.63
CA VAL E 6 18.92 11.28 9.24
C VAL E 6 20.20 10.67 8.72
N VAL E 7 21.28 11.46 8.69
CA VAL E 7 22.54 10.97 8.16
C VAL E 7 23.70 11.26 9.11
N ALA E 16 22.80 6.55 5.45
CA ALA E 16 21.37 6.84 5.61
C ALA E 16 20.76 5.99 6.72
N TYR E 17 19.67 6.49 7.29
CA TYR E 17 19.14 5.98 8.56
C TYR E 17 17.76 6.57 8.82
N ASP E 18 16.68 5.79 8.66
CA ASP E 18 15.42 6.27 9.20
C ASP E 18 15.60 6.50 10.71
N ILE E 19 14.79 7.40 11.26
CA ILE E 19 15.05 7.88 12.61
C ILE E 19 14.80 6.80 13.64
N TYR E 20 13.85 5.87 13.39
CA TYR E 20 13.68 4.80 14.35
C TYR E 20 14.86 3.84 14.36
N SER E 21 15.53 3.66 13.23
CA SER E 21 16.75 2.86 13.24
C SER E 21 17.88 3.60 13.95
N ARG E 22 17.90 4.93 13.87
CA ARG E 22 18.89 5.67 14.62
C ARG E 22 18.67 5.46 16.11
N LEU E 23 17.41 5.38 16.56
CA LEU E 23 17.17 5.14 18.00
C LEU E 23 17.70 3.78 18.45
N LEU E 24 17.54 2.77 17.59
CA LEU E 24 18.03 1.45 17.94
C LEU E 24 19.53 1.44 18.06
N ARG E 25 20.23 2.26 17.26
CA ARG E 25 21.67 2.41 17.39
C ARG E 25 22.06 3.02 18.73
N GLU E 26 21.20 3.87 19.30
CA GLU E 26 21.40 4.37 20.65
C GLU E 26 21.08 3.34 21.76
N ARG E 27 20.63 2.12 21.40
CA ARG E 27 20.18 1.11 22.37
C ARG E 27 18.86 1.50 23.02
N ILE E 28 18.02 2.20 22.27
CA ILE E 28 16.69 2.56 22.69
C ILE E 28 15.72 1.66 21.95
N VAL E 29 14.76 1.10 22.70
CA VAL E 29 13.68 0.28 22.17
C VAL E 29 12.37 0.96 22.55
N CYS E 30 11.50 1.15 21.57
CA CYS E 30 10.26 1.90 21.75
C CYS E 30 9.09 0.97 21.92
N VAL E 31 8.30 1.21 22.95
CA VAL E 31 7.04 0.49 23.17
C VAL E 31 5.96 1.57 23.13
N MET E 32 5.52 1.90 21.92
CA MET E 32 4.48 2.89 21.73
C MET E 32 3.16 2.19 21.47
N GLY E 33 2.08 2.74 22.00
CA GLY E 33 0.77 2.30 21.60
C GLY E 33 0.49 0.91 22.08
N PRO E 34 -0.65 0.36 21.68
CA PRO E 34 -1.09 -0.92 22.20
C PRO E 34 -0.11 -2.04 21.92
N ILE E 35 -0.06 -2.97 22.85
CA ILE E 35 0.83 -4.11 22.78
C ILE E 35 0.04 -5.27 22.20
N ASP E 36 0.56 -5.88 21.14
CA ASP E 36 -0.01 -7.09 20.58
C ASP E 36 1.16 -7.98 20.19
N ASP E 37 0.87 -9.12 19.56
CA ASP E 37 1.92 -10.10 19.29
C ASP E 37 2.96 -9.54 18.34
N SER E 38 2.55 -8.73 17.36
CA SER E 38 3.55 -8.22 16.43
C SER E 38 4.48 -7.22 17.09
N VAL E 39 3.95 -6.29 17.89
CA VAL E 39 4.79 -5.40 18.67
C VAL E 39 5.75 -6.19 19.56
N ALA E 40 5.25 -7.23 20.25
CA ALA E 40 6.11 -8.01 21.13
C ALA E 40 7.22 -8.71 20.35
N SER E 41 6.89 -9.26 19.18
CA SER E 41 7.92 -9.89 18.36
C SER E 41 9.03 -8.89 18.02
N LEU E 42 8.66 -7.67 17.65
CA LEU E 42 9.64 -6.69 17.23
C LEU E 42 10.45 -6.15 18.41
N VAL E 43 9.80 -5.95 19.55
CA VAL E 43 10.53 -5.58 20.75
C VAL E 43 11.47 -6.70 21.22
N ILE E 44 11.02 -7.96 21.20
CA ILE E 44 11.90 -9.05 21.60
C ILE E 44 13.08 -9.13 20.63
N ALA E 45 12.83 -9.03 19.33
CA ALA E 45 13.92 -9.10 18.39
C ALA E 45 14.94 -8.02 18.69
N GLN E 46 14.48 -6.81 19.01
CA GLN E 46 15.41 -5.73 19.28
C GLN E 46 16.19 -5.96 20.57
N LEU E 47 15.54 -6.48 21.61
CA LEU E 47 16.24 -6.68 22.87
C LEU E 47 17.35 -7.73 22.71
N LEU E 48 17.04 -8.86 22.07
CA LEU E 48 18.05 -9.88 21.88
C LEU E 48 19.13 -9.38 20.95
N PHE E 49 18.76 -8.57 19.95
CA PHE E 49 19.80 -7.97 19.12
C PHE E 49 20.76 -7.14 19.99
N LEU E 50 20.21 -6.20 20.78
CA LEU E 50 21.07 -5.34 21.56
C LEU E 50 21.89 -6.14 22.55
N GLN E 51 21.34 -7.23 23.08
CA GLN E 51 22.11 -8.06 24.00
C GLN E 51 23.30 -8.69 23.28
N SER E 52 23.12 -9.08 22.01
CA SER E 52 24.20 -9.67 21.24
C SER E 52 25.26 -8.66 20.86
N GLU E 53 24.91 -7.38 20.80
CA GLU E 53 25.92 -6.33 20.58
C GLU E 53 26.80 -6.15 21.81
N SER E 54 26.21 -6.16 22.99
CA SER E 54 26.93 -6.11 24.25
C SER E 54 25.97 -6.57 25.32
N ASN E 55 26.33 -7.60 26.09
CA ASN E 55 25.45 -8.02 27.17
C ASN E 55 25.68 -7.20 28.43
N LYS E 56 26.41 -6.07 28.34
CA LYS E 56 26.61 -5.19 29.49
C LYS E 56 26.16 -3.76 29.28
N LYS E 57 26.20 -3.25 28.09
CA LYS E 57 25.79 -1.86 27.93
C LYS E 57 24.30 -1.79 28.27
N PRO E 58 23.86 -0.80 29.06
CA PRO E 58 22.44 -0.68 29.37
C PRO E 58 21.61 -0.61 28.09
N ILE E 59 20.36 -1.04 28.22
CA ILE E 59 19.32 -0.95 27.20
C ILE E 59 18.22 -0.04 27.75
N HIS E 60 17.62 0.74 26.86
CA HIS E 60 16.63 1.76 27.21
C HIS E 60 15.29 1.44 26.57
N MET E 61 14.25 1.27 27.39
CA MET E 61 12.90 1.04 26.91
C MET E 61 12.07 2.29 27.15
N TYR E 62 11.59 2.89 26.07
CA TYR E 62 10.68 4.02 26.11
C TYR E 62 9.25 3.50 26.06
N ILE E 63 8.42 3.87 27.06
CA ILE E 63 7.07 3.32 27.19
C ILE E 63 6.05 4.46 27.17
N ASN E 64 5.16 4.43 26.18
CA ASN E 64 3.99 5.31 26.11
C ASN E 64 2.87 4.42 25.57
N SER E 65 2.11 3.83 26.47
CA SER E 65 1.29 2.73 26.07
C SER E 65 0.08 2.63 26.94
N PRO E 66 -1.10 2.38 26.34
CA PRO E 66 -2.30 2.09 27.14
C PRO E 66 -2.46 0.65 27.56
N GLY E 67 -1.55 -0.27 27.21
CA GLY E 67 -1.75 -1.66 27.49
C GLY E 67 -1.82 -2.52 26.25
N GLY E 68 -2.51 -3.65 26.38
CA GLY E 68 -2.63 -4.56 25.27
C GLY E 68 -2.74 -6.02 25.72
N VAL E 69 -2.43 -6.92 24.77
CA VAL E 69 -2.62 -8.36 25.02
C VAL E 69 -1.70 -8.81 26.15
N VAL E 70 -2.28 -9.49 27.15
CA VAL E 70 -1.53 -9.90 28.33
C VAL E 70 -0.38 -10.84 27.95
N THR E 71 -0.68 -11.92 27.23
CA THR E 71 0.37 -12.88 26.92
C THR E 71 1.52 -12.21 26.14
N ALA E 72 1.21 -11.20 25.33
CA ALA E 72 2.26 -10.53 24.56
C ALA E 72 3.07 -9.58 25.45
N GLY E 73 2.41 -8.92 26.40
CA GLY E 73 3.16 -8.22 27.44
C GLY E 73 4.05 -9.14 28.26
N LEU E 74 3.54 -10.30 28.65
CA LEU E 74 4.35 -11.21 29.45
C LEU E 74 5.56 -11.75 28.67
N ALA E 75 5.41 -11.94 27.35
CA ALA E 75 6.55 -12.36 26.54
C ALA E 75 7.67 -11.32 26.57
N ILE E 76 7.31 -10.03 26.50
CA ILE E 76 8.32 -8.96 26.64
C ILE E 76 8.91 -8.97 28.05
N TYR E 77 8.06 -9.09 29.06
CA TYR E 77 8.55 -9.15 30.43
C TYR E 77 9.57 -10.28 30.57
N ASP E 78 9.23 -11.47 30.11
CA ASP E 78 10.16 -12.58 30.28
C ASP E 78 11.48 -12.34 29.52
N THR E 79 11.41 -11.68 28.36
CA THR E 79 12.65 -11.40 27.61
C THR E 79 13.50 -10.38 28.36
N MET E 80 12.88 -9.33 28.93
CA MET E 80 13.59 -8.39 29.80
C MET E 80 14.29 -9.10 30.95
N GLN E 81 13.59 -10.04 31.60
CA GLN E 81 14.23 -10.71 32.71
C GLN E 81 15.32 -11.68 32.25
N TYR E 82 15.18 -12.23 31.04
CA TYR E 82 16.13 -13.22 30.55
C TYR E 82 17.47 -12.58 30.18
N ILE E 83 17.44 -11.40 29.52
CA ILE E 83 18.70 -10.86 29.03
C ILE E 83 19.53 -10.32 30.21
N LEU E 84 20.85 -10.24 30.00
CA LEU E 84 21.74 -9.89 31.12
C LEU E 84 21.85 -8.41 31.32
N ASN E 85 21.60 -7.61 30.29
CA ASN E 85 21.88 -6.21 30.35
C ASN E 85 21.06 -5.53 31.46
N PRO E 86 21.61 -4.48 32.09
CA PRO E 86 20.72 -3.53 32.78
C PRO E 86 19.71 -2.93 31.80
N ILE E 87 18.48 -2.76 32.27
CA ILE E 87 17.43 -2.19 31.45
C ILE E 87 16.84 -0.99 32.15
N CYS E 88 16.95 0.19 31.52
CA CYS E 88 16.32 1.41 32.03
C CYS E 88 14.98 1.59 31.34
N THR E 89 13.96 1.79 32.13
CA THR E 89 12.62 2.06 31.62
C THR E 89 12.32 3.55 31.78
N TRP E 90 11.69 4.14 30.76
CA TRP E 90 11.31 5.55 30.76
C TRP E 90 9.85 5.65 30.37
N CYS E 91 9.04 6.29 31.20
CA CYS E 91 7.63 6.53 30.91
C CYS E 91 7.38 7.97 30.47
N VAL E 92 6.83 8.13 29.29
CA VAL E 92 6.27 9.41 28.84
C VAL E 92 4.82 9.21 28.41
N GLY E 93 3.98 10.21 28.68
CA GLY E 93 2.60 10.16 28.28
C GLY E 93 1.85 9.32 29.28
N GLN E 94 1.87 8.00 29.09
CA GLN E 94 1.25 7.10 30.07
C GLN E 94 1.81 5.69 29.98
N ALA E 95 1.61 4.94 31.06
CA ALA E 95 1.95 3.52 31.11
C ALA E 95 0.80 2.86 31.86
N ALA E 96 -0.12 2.25 31.14
CA ALA E 96 -1.35 1.68 31.70
C ALA E 96 -1.35 0.17 31.48
N SER E 97 -1.79 -0.58 32.48
CA SER E 97 -2.08 -2.03 32.34
C SER E 97 -0.74 -2.68 32.00
N MET E 98 -0.61 -3.45 30.92
CA MET E 98 0.67 -4.10 30.66
C MET E 98 1.82 -3.09 30.47
N GLY E 99 1.51 -1.86 30.06
CA GLY E 99 2.51 -0.81 30.01
C GLY E 99 3.19 -0.54 31.35
N SER E 100 2.40 -0.49 32.42
CA SER E 100 2.99 -0.24 33.73
C SER E 100 3.74 -1.45 34.27
N LEU E 101 3.30 -2.66 33.92
CA LEU E 101 4.08 -3.83 34.30
C LEU E 101 5.49 -3.73 33.73
N LEU E 102 5.60 -3.39 32.45
CA LEU E 102 6.89 -3.27 31.80
C LEU E 102 7.73 -2.16 32.42
N LEU E 103 7.11 -1.01 32.67
CA LEU E 103 7.79 0.07 33.37
C LEU E 103 8.38 -0.46 34.67
N ALA E 104 7.56 -1.16 35.47
CA ALA E 104 8.01 -1.61 36.78
C ALA E 104 9.06 -2.69 36.70
N ALA E 105 9.19 -3.33 35.54
CA ALA E 105 10.11 -4.47 35.41
C ALA E 105 11.53 -4.06 35.04
N GLY E 106 11.78 -2.78 34.78
CA GLY E 106 13.15 -2.35 34.59
C GLY E 106 14.05 -2.71 35.76
N THR E 107 15.34 -2.56 35.55
CA THR E 107 16.24 -2.91 36.64
C THR E 107 16.14 -1.89 37.78
N PRO E 108 16.35 -2.34 39.02
CA PRO E 108 16.12 -1.46 40.17
C PRO E 108 17.03 -0.25 40.18
N GLY E 109 16.46 0.87 40.59
CA GLY E 109 17.16 2.14 40.49
C GLY E 109 17.12 2.79 39.12
N MET E 110 16.55 2.14 38.10
CA MET E 110 16.63 2.67 36.73
C MET E 110 15.26 2.84 36.08
N ARG E 111 14.18 2.88 36.86
CA ARG E 111 12.84 3.04 36.33
C ARG E 111 12.45 4.51 36.49
N HIS E 112 12.15 5.18 35.38
CA HIS E 112 11.96 6.61 35.40
C HIS E 112 10.64 7.01 34.77
N SER E 113 10.15 8.18 35.16
CA SER E 113 9.06 8.87 34.49
C SER E 113 9.33 10.35 34.30
N LEU E 114 8.90 10.88 33.16
CA LEU E 114 8.79 12.32 33.01
C LEU E 114 7.62 12.83 33.85
N PRO E 115 7.57 14.15 34.10
CA PRO E 115 6.77 14.63 35.25
C PRO E 115 5.27 14.63 35.04
N ASN E 116 4.78 14.69 33.81
CA ASN E 116 3.35 14.70 33.56
C ASN E 116 2.78 13.33 33.11
N SER E 117 3.55 12.26 33.16
CA SER E 117 3.01 10.97 32.79
C SER E 117 1.88 10.52 33.74
N ARG E 118 1.08 9.59 33.24
CA ARG E 118 0.01 8.95 34.01
C ARG E 118 0.28 7.45 34.07
N ILE E 119 0.17 6.84 35.25
CA ILE E 119 0.48 5.42 35.43
C ILE E 119 -0.71 4.69 36.05
N MET E 120 -1.04 3.55 35.48
CA MET E 120 -2.15 2.76 35.98
C MET E 120 -1.80 1.29 36.04
N ILE E 121 -2.08 0.67 37.19
CA ILE E 121 -1.97 -0.78 37.26
C ILE E 121 -3.28 -1.56 37.24
N HIS E 122 -4.43 -0.90 37.43
CA HIS E 122 -5.73 -1.47 37.09
C HIS E 122 -5.69 -2.07 35.68
N GLN E 123 -6.28 -3.24 35.54
CA GLN E 123 -6.39 -3.87 34.22
C GLN E 123 -7.78 -3.57 33.64
N PRO E 124 -7.91 -3.29 32.35
CA PRO E 124 -9.22 -2.93 31.80
C PRO E 124 -10.15 -4.14 31.71
N SER E 125 -11.46 -3.87 31.80
CA SER E 125 -12.44 -4.93 31.58
C SER E 125 -12.53 -5.21 30.09
N ALA E 132 -6.53 -7.60 24.37
CA ALA E 132 -6.86 -8.25 25.63
C ALA E 132 -6.37 -9.71 25.71
N THR E 133 -6.88 -10.51 24.77
CA THR E 133 -6.71 -11.96 24.78
C THR E 133 -6.74 -12.50 23.35
N ILE E 135 -7.93 -14.61 21.51
CA ILE E 135 -8.84 -15.75 21.69
C ILE E 135 -9.56 -15.66 23.04
N ALA E 136 -10.89 -15.82 23.01
CA ALA E 136 -11.66 -15.84 24.25
C ALA E 136 -11.29 -17.08 25.07
N ILE E 137 -11.41 -16.97 26.39
CA ILE E 137 -10.88 -17.98 27.31
C ILE E 137 -11.80 -18.20 28.50
N GLN E 138 -11.62 -19.36 29.12
CA GLN E 138 -12.39 -19.77 30.27
C GLN E 138 -12.08 -18.91 31.50
N ALA E 139 -13.02 -18.92 32.45
CA ALA E 139 -12.90 -18.07 33.63
C ALA E 139 -11.69 -18.43 34.48
N GLU E 140 -11.37 -19.72 34.64
CA GLU E 140 -10.19 -20.10 35.41
C GLU E 140 -8.89 -19.61 34.76
N GLU E 141 -8.86 -19.49 33.44
CA GLU E 141 -7.66 -19.03 32.76
C GLU E 141 -7.48 -17.53 32.95
N ILE E 142 -8.56 -16.76 32.95
CA ILE E 142 -8.39 -15.34 33.12
C ILE E 142 -7.85 -15.04 34.50
N MET E 143 -8.29 -15.79 35.52
CA MET E 143 -7.79 -15.53 36.86
C MET E 143 -6.36 -16.01 37.04
N LYS E 144 -5.98 -17.12 36.38
CA LYS E 144 -4.61 -17.60 36.43
C LYS E 144 -3.68 -16.52 35.89
N LEU E 145 -4.06 -15.89 34.77
CA LEU E 145 -3.26 -14.78 34.22
C LEU E 145 -3.18 -13.61 35.20
N LYS E 146 -4.32 -13.22 35.76
CA LYS E 146 -4.34 -12.11 36.72
C LYS E 146 -3.39 -12.38 37.88
N LYS E 147 -3.39 -13.62 38.38
CA LYS E 147 -2.52 -13.94 39.48
C LYS E 147 -1.06 -13.92 39.03
N GLN E 148 -0.78 -14.21 37.77
CA GLN E 148 0.57 -13.99 37.28
C GLN E 148 0.96 -12.53 37.38
N LEU E 149 0.01 -11.63 37.13
CA LEU E 149 0.33 -10.20 37.17
C LEU E 149 0.47 -9.70 38.60
N TYR E 150 -0.42 -10.14 39.49
CA TYR E 150 -0.26 -9.89 40.93
C TYR E 150 1.15 -10.21 41.41
N ASN E 151 1.63 -11.42 41.09
CA ASN E 151 2.97 -11.84 41.54
C ASN E 151 4.07 -10.97 40.96
N ILE E 152 4.04 -10.72 39.64
CA ILE E 152 5.06 -9.87 39.04
C ILE E 152 5.06 -8.49 39.69
N TYR E 153 3.87 -7.91 39.88
CA TYR E 153 3.88 -6.58 40.48
C TYR E 153 4.39 -6.62 41.92
N ALA E 154 4.06 -7.70 42.67
CA ALA E 154 4.51 -7.78 44.05
C ALA E 154 6.02 -7.82 44.10
N LYS E 155 6.61 -8.64 43.22
CA LYS E 155 8.05 -8.83 43.24
C LYS E 155 8.80 -7.54 42.94
N HIS E 156 8.31 -6.74 41.99
CA HIS E 156 9.07 -5.58 41.54
C HIS E 156 8.72 -4.30 42.31
N THR E 157 7.51 -4.18 42.87
CA THR E 157 7.21 -3.06 43.76
C THR E 157 7.59 -3.35 45.22
N LYS E 158 7.84 -4.63 45.56
CA LYS E 158 8.09 -5.07 46.94
C LYS E 158 6.90 -4.84 47.84
N GLN E 159 5.71 -4.70 47.27
CA GLN E 159 4.50 -4.71 48.06
C GLN E 159 3.99 -6.14 48.19
N SER E 160 3.21 -6.36 49.24
CA SER E 160 2.60 -7.65 49.48
C SER E 160 1.48 -7.89 48.45
N LEU E 161 1.14 -9.17 48.27
CA LEU E 161 0.08 -9.54 47.34
C LEU E 161 -1.23 -8.84 47.67
N GLN E 162 -1.56 -8.70 48.95
CA GLN E 162 -2.84 -8.11 49.25
C GLN E 162 -2.88 -6.63 48.91
N VAL E 163 -1.78 -5.88 49.11
CA VAL E 163 -1.77 -4.48 48.71
C VAL E 163 -1.85 -4.35 47.19
N ILE E 164 -1.15 -5.21 46.46
CA ILE E 164 -1.25 -5.19 45.00
C ILE E 164 -2.69 -5.44 44.57
N GLU E 165 -3.32 -6.47 45.13
CA GLU E 165 -4.68 -6.83 44.76
C GLU E 165 -5.65 -5.69 45.02
N SER E 166 -5.63 -5.12 46.23
CA SER E 166 -6.52 -4.00 46.52
C SER E 166 -6.25 -2.83 45.59
N ALA E 167 -4.96 -2.53 45.33
CA ALA E 167 -4.65 -1.37 44.50
C ALA E 167 -5.14 -1.55 43.07
N MET E 168 -5.00 -2.75 42.50
CA MET E 168 -5.47 -2.95 41.12
C MET E 168 -6.99 -2.98 40.98
N GLU E 169 -7.71 -3.20 42.07
CA GLU E 169 -9.16 -3.04 42.05
C GLU E 169 -9.58 -1.59 41.80
N ARG E 170 -8.70 -0.62 42.08
CA ARG E 170 -9.08 0.79 41.98
C ARG E 170 -8.86 1.28 40.54
N ASP E 171 -9.94 1.77 39.96
CA ASP E 171 -9.96 2.22 38.57
C ASP E 171 -9.49 3.68 38.53
N ARG E 172 -8.18 3.86 38.47
CA ARG E 172 -7.62 5.21 38.56
C ARG E 172 -6.17 5.23 38.10
N TYR E 173 -5.72 6.41 37.74
CA TYR E 173 -4.32 6.65 37.44
C TYR E 173 -3.59 7.27 38.64
N MET E 174 -2.30 7.01 38.70
CA MET E 174 -1.37 7.60 39.65
C MET E 174 -0.46 8.58 38.91
N SER E 175 -0.05 9.63 39.62
CA SER E 175 1.02 10.48 39.21
C SER E 175 2.36 9.75 39.34
N PRO E 176 3.40 10.31 38.72
CA PRO E 176 4.72 9.68 38.87
C PRO E 176 5.21 9.63 40.30
N MET E 177 4.93 10.63 41.12
CA MET E 177 5.47 10.60 42.46
C MET E 177 4.74 9.57 43.28
N GLU E 178 3.44 9.44 43.05
CA GLU E 178 2.72 8.36 43.68
C GLU E 178 3.17 6.99 43.14
N ALA E 179 3.49 6.89 41.87
CA ALA E 179 4.02 5.61 41.41
C ALA E 179 5.38 5.35 42.07
N GLN E 180 6.16 6.42 42.33
CA GLN E 180 7.46 6.23 42.96
C GLN E 180 7.30 5.74 44.39
N GLU E 181 6.35 6.29 45.17
CA GLU E 181 6.11 5.77 46.53
C GLU E 181 5.65 4.32 46.54
N PHE E 182 4.89 3.92 45.52
CA PHE E 182 4.32 2.58 45.51
C PHE E 182 5.32 1.52 45.10
N GLY E 183 6.43 1.92 44.48
CA GLY E 183 7.48 1.02 44.06
C GLY E 183 7.46 0.64 42.59
N ILE E 184 6.70 1.36 41.77
CA ILE E 184 6.67 1.10 40.33
C ILE E 184 7.83 1.78 39.60
N LEU E 185 8.30 2.91 40.11
CA LEU E 185 9.45 3.55 39.51
C LEU E 185 10.33 4.12 40.62
N ASP E 186 11.56 4.46 40.25
CA ASP E 186 12.57 5.02 41.14
C ASP E 186 12.75 6.52 41.00
N LYS E 187 12.63 7.08 39.81
CA LYS E 187 13.04 8.46 39.58
C LYS E 187 12.01 9.20 38.72
N VAL E 188 11.61 10.38 39.19
CA VAL E 188 10.83 11.33 38.40
C VAL E 188 11.74 12.49 38.05
N LEU E 189 11.84 12.83 36.77
CA LEU E 189 12.76 13.91 36.40
C LEU E 189 12.23 14.92 35.37
N VAL E 190 12.61 16.19 35.56
CA VAL E 190 12.29 17.29 34.62
C VAL E 190 13.31 17.39 33.47
N HIS E 191 14.66 17.38 33.79
CA HIS E 191 15.78 17.54 32.83
C HIS E 191 16.82 16.46 33.13
N PRO E 192 17.99 16.44 32.44
CA PRO E 192 19.00 15.45 32.84
C PRO E 192 20.14 16.03 33.70
N ILE F 3 9.95 -1.76 10.17
CA ILE F 3 10.91 -2.71 10.70
C ILE F 3 12.27 -2.01 10.81
N PRO F 4 12.86 -1.90 11.99
CA PRO F 4 14.21 -1.31 12.09
C PRO F 4 15.22 -2.05 11.23
N ILE F 5 16.22 -1.29 10.77
CA ILE F 5 17.37 -1.77 10.03
C ILE F 5 18.54 -1.85 11.01
N VAL F 6 19.38 -2.87 10.88
CA VAL F 6 20.60 -3.02 11.68
C VAL F 6 21.79 -3.16 10.76
N VAL F 7 22.90 -2.55 11.16
CA VAL F 7 24.16 -2.52 10.42
C VAL F 7 25.10 -3.57 10.99
N GLU F 8 25.86 -4.23 10.12
CA GLU F 8 26.70 -5.35 10.51
C GLU F 8 27.51 -5.86 9.32
N GLY F 13 33.38 -5.89 4.54
CA GLY F 13 32.83 -4.60 4.91
C GLY F 13 31.52 -4.68 5.68
N GLU F 14 30.72 -3.62 5.58
CA GLU F 14 29.46 -3.51 6.29
C GLU F 14 28.29 -3.93 5.41
N ARG F 15 27.13 -4.13 6.05
CA ARG F 15 25.94 -4.62 5.36
C ARG F 15 24.70 -4.24 6.18
N ALA F 16 23.61 -3.92 5.48
CA ALA F 16 22.37 -3.48 6.10
C ALA F 16 21.32 -4.58 6.01
N TYR F 17 20.76 -4.94 7.17
CA TYR F 17 19.69 -5.93 7.27
C TYR F 17 18.49 -5.34 8.00
N ASP F 18 17.28 -5.53 7.51
CA ASP F 18 16.13 -5.41 8.41
C ASP F 18 16.23 -6.47 9.54
N ILE F 19 15.62 -6.18 10.69
CA ILE F 19 15.96 -7.01 11.84
C ILE F 19 15.47 -8.45 11.70
N TYR F 20 14.38 -8.67 10.95
CA TYR F 20 13.93 -10.05 10.74
C TYR F 20 14.87 -10.82 9.82
N SER F 21 15.53 -10.16 8.85
CA SER F 21 16.59 -10.85 8.11
C SER F 21 17.79 -11.17 9.01
N ARG F 22 18.06 -10.31 9.98
CA ARG F 22 19.14 -10.58 10.92
C ARG F 22 18.84 -11.83 11.76
N LEU F 23 17.58 -12.02 12.17
CA LEU F 23 17.21 -13.20 12.93
C LEU F 23 17.48 -14.48 12.14
N LEU F 24 17.13 -14.48 10.85
CA LEU F 24 17.40 -15.63 10.01
C LEU F 24 18.90 -15.88 9.86
N ARG F 25 19.72 -14.82 9.85
CA ARG F 25 21.16 -15.05 9.80
C ARG F 25 21.69 -15.65 11.10
N GLU F 26 21.01 -15.46 12.22
CA GLU F 26 21.28 -16.17 13.46
C GLU F 26 20.70 -17.59 13.51
N ARG F 27 20.06 -18.08 12.44
CA ARG F 27 19.36 -19.37 12.39
C ARG F 27 18.11 -19.38 13.29
N ILE F 28 17.42 -18.26 13.37
CA ILE F 28 16.18 -18.20 14.13
C ILE F 28 15.06 -18.10 13.12
N VAL F 29 14.01 -18.90 13.29
CA VAL F 29 12.82 -18.84 12.46
C VAL F 29 11.68 -18.52 13.38
N CYS F 30 10.92 -17.47 13.04
CA CYS F 30 9.83 -17.02 13.90
C CYS F 30 8.47 -17.59 13.47
N VAL F 31 7.74 -18.11 14.44
CA VAL F 31 6.37 -18.53 14.24
C VAL F 31 5.51 -17.75 15.22
N MET F 32 5.12 -16.53 14.81
CA MET F 32 4.36 -15.59 15.64
C MET F 32 2.99 -15.40 14.99
N GLY F 33 1.96 -15.49 15.79
CA GLY F 33 0.63 -15.22 15.30
C GLY F 33 -0.02 -16.44 14.68
N PRO F 34 -1.25 -16.26 14.19
CA PRO F 34 -1.99 -17.40 13.63
C PRO F 34 -1.30 -18.03 12.44
N ILE F 35 -1.40 -19.35 12.35
CA ILE F 35 -0.68 -20.13 11.35
C ILE F 35 -1.62 -20.35 10.18
N ASP F 36 -1.19 -19.97 8.98
CA ASP F 36 -1.96 -20.25 7.78
C ASP F 36 -0.99 -20.69 6.70
N ASP F 37 -1.52 -20.93 5.48
CA ASP F 37 -0.71 -21.43 4.38
C ASP F 37 0.44 -20.49 4.06
N SER F 38 0.21 -19.19 4.17
CA SER F 38 1.26 -18.23 3.83
C SER F 38 2.39 -18.27 4.84
N VAL F 39 2.02 -18.33 6.12
CA VAL F 39 3.03 -18.46 7.17
C VAL F 39 3.78 -19.78 7.00
N ALA F 40 3.05 -20.87 6.74
CA ALA F 40 3.72 -22.15 6.56
C ALA F 40 4.71 -22.11 5.41
N SER F 41 4.34 -21.47 4.31
CA SER F 41 5.21 -21.42 3.15
C SER F 41 6.51 -20.69 3.48
N LEU F 42 6.44 -19.62 4.25
CA LEU F 42 7.63 -18.88 4.61
C LEU F 42 8.47 -19.60 5.68
N VAL F 43 7.84 -20.20 6.68
CA VAL F 43 8.57 -21.01 7.64
C VAL F 43 9.30 -22.16 6.92
N ILE F 44 8.58 -22.89 6.06
CA ILE F 44 9.20 -23.98 5.31
C ILE F 44 10.36 -23.46 4.49
N ALA F 45 10.17 -22.36 3.75
CA ALA F 45 11.25 -21.85 2.93
C ALA F 45 12.47 -21.58 3.78
N GLN F 46 12.26 -21.06 4.99
CA GLN F 46 13.38 -20.71 5.85
C GLN F 46 14.09 -21.95 6.38
N LEU F 47 13.32 -22.95 6.82
CA LEU F 47 13.90 -24.18 7.34
C LEU F 47 14.75 -24.85 6.27
N LEU F 48 14.23 -24.95 5.04
CA LEU F 48 14.98 -25.60 3.96
C LEU F 48 16.20 -24.82 3.58
N PHE F 49 16.11 -23.49 3.60
CA PHE F 49 17.30 -22.68 3.36
C PHE F 49 18.36 -22.89 4.44
N LEU F 50 17.97 -22.89 5.70
CA LEU F 50 18.95 -23.04 6.78
C LEU F 50 19.60 -24.42 6.71
N GLN F 51 18.82 -25.45 6.36
CA GLN F 51 19.41 -26.76 6.16
C GLN F 51 20.44 -26.72 5.04
N SER F 52 20.19 -25.90 4.00
CA SER F 52 21.14 -25.85 2.89
C SER F 52 22.44 -25.15 3.28
N GLU F 53 22.39 -24.18 4.19
CA GLU F 53 23.59 -23.51 4.69
C GLU F 53 24.45 -24.44 5.56
N SER F 54 23.83 -25.28 6.41
CA SER F 54 24.50 -26.27 7.25
C SER F 54 23.47 -27.29 7.69
N ASN F 55 23.67 -28.56 7.36
CA ASN F 55 22.61 -29.48 7.74
C ASN F 55 22.83 -30.10 9.11
N LYS F 56 23.90 -29.72 9.82
CA LYS F 56 24.11 -30.19 11.19
C LYS F 56 23.89 -29.10 12.21
N LYS F 57 24.04 -27.84 11.81
CA LYS F 57 23.96 -26.75 12.77
C LYS F 57 22.52 -26.64 13.28
N PRO F 58 22.31 -26.46 14.59
CA PRO F 58 20.95 -26.34 15.10
C PRO F 58 20.23 -25.12 14.50
N ILE F 59 18.92 -25.22 14.47
CA ILE F 59 18.01 -24.17 14.05
C ILE F 59 17.15 -23.86 15.26
N HIS F 60 16.82 -22.59 15.46
CA HIS F 60 15.95 -22.20 16.58
C HIS F 60 14.63 -21.69 16.07
N MET F 61 13.53 -22.18 16.64
CA MET F 61 12.18 -21.82 16.22
C MET F 61 11.53 -21.14 17.42
N TYR F 62 11.24 -19.84 17.29
CA TYR F 62 10.52 -19.07 18.31
C TYR F 62 9.02 -19.12 18.05
N ILE F 63 8.24 -19.51 19.04
CA ILE F 63 6.81 -19.76 18.89
C ILE F 63 6.06 -18.87 19.87
N ASN F 64 5.23 -17.96 19.34
CA ASN F 64 4.26 -17.20 20.12
C ASN F 64 2.97 -17.21 19.29
N SER F 65 2.07 -18.13 19.55
CA SER F 65 1.09 -18.40 18.50
C SER F 65 -0.16 -18.99 19.09
N PRO F 66 -1.34 -18.52 18.66
CA PRO F 66 -2.61 -19.06 19.19
C PRO F 66 -3.07 -20.29 18.47
N GLY F 67 -2.37 -20.72 17.44
CA GLY F 67 -2.87 -21.85 16.67
C GLY F 67 -3.11 -21.49 15.22
N GLY F 68 -3.95 -22.23 14.49
CA GLY F 68 -4.22 -21.88 13.11
C GLY F 68 -4.68 -23.09 12.29
N VAL F 69 -4.44 -23.01 10.99
CA VAL F 69 -4.98 -23.99 10.06
C VAL F 69 -4.21 -25.29 10.25
N VAL F 70 -4.94 -26.38 10.49
CA VAL F 70 -4.33 -27.65 10.84
C VAL F 70 -3.37 -28.14 9.74
N THR F 71 -3.82 -28.18 8.49
CA THR F 71 -2.95 -28.73 7.46
C THR F 71 -1.72 -27.85 7.28
N ALA F 72 -1.85 -26.56 7.60
CA ALA F 72 -0.69 -25.69 7.51
C ALA F 72 0.30 -25.94 8.66
N GLY F 73 -0.22 -26.13 9.89
CA GLY F 73 0.63 -26.57 10.97
C GLY F 73 1.29 -27.91 10.69
N LEU F 74 0.59 -28.83 10.03
CA LEU F 74 1.18 -30.14 9.80
C LEU F 74 2.25 -30.07 8.75
N ALA F 75 2.12 -29.12 7.81
CA ALA F 75 3.14 -28.95 6.78
C ALA F 75 4.45 -28.46 7.41
N ILE F 76 4.38 -27.49 8.32
CA ILE F 76 5.54 -27.12 9.09
C ILE F 76 6.07 -28.30 9.89
N TYR F 77 5.19 -29.07 10.49
CA TYR F 77 5.61 -30.19 11.31
C TYR F 77 6.38 -31.19 10.47
N ASP F 78 5.84 -31.56 9.30
CA ASP F 78 6.54 -32.53 8.47
C ASP F 78 7.90 -31.99 8.01
N THR F 79 8.01 -30.68 7.75
CA THR F 79 9.30 -30.15 7.32
C THR F 79 10.33 -30.22 8.44
N MET F 80 9.89 -29.91 9.66
CA MET F 80 10.71 -30.09 10.82
C MET F 80 11.26 -31.50 10.97
N GLN F 81 10.40 -32.50 10.88
CA GLN F 81 10.85 -33.87 10.91
C GLN F 81 11.74 -34.23 9.72
N TYR F 82 11.50 -33.64 8.55
CA TYR F 82 12.25 -34.02 7.36
C TYR F 82 13.71 -33.52 7.42
N ILE F 83 13.98 -32.30 7.93
CA ILE F 83 15.35 -31.79 7.80
C ILE F 83 16.28 -32.51 8.78
N LEU F 84 17.59 -32.40 8.52
CA LEU F 84 18.57 -33.12 9.34
C LEU F 84 18.94 -32.35 10.60
N ASN F 85 18.66 -31.06 10.62
CA ASN F 85 19.10 -30.23 11.69
C ASN F 85 18.38 -30.56 12.99
N PRO F 86 19.10 -30.60 14.11
CA PRO F 86 18.44 -30.45 15.41
C PRO F 86 17.63 -29.18 15.39
N ILE F 87 16.52 -29.18 16.14
CA ILE F 87 15.67 -28.00 16.20
C ILE F 87 15.37 -27.70 17.66
N CYS F 88 15.76 -26.52 18.10
CA CYS F 88 15.41 -26.00 19.43
CA CYS F 88 15.42 -25.99 19.41
C CYS F 88 14.14 -25.17 19.29
N THR F 89 13.11 -25.53 20.03
CA THR F 89 11.87 -24.77 20.06
C THR F 89 11.84 -23.94 21.35
N TRP F 90 11.26 -22.72 21.26
CA TRP F 90 11.17 -21.76 22.37
C TRP F 90 9.77 -21.17 22.42
N CYS F 91 9.12 -21.22 23.59
CA CYS F 91 7.80 -20.62 23.75
C CYS F 91 7.87 -19.33 24.57
N VAL F 92 7.43 -18.23 23.99
CA VAL F 92 7.17 -17.00 24.73
C VAL F 92 5.73 -16.60 24.46
N GLY F 93 5.06 -16.05 25.46
CA GLY F 93 3.67 -15.70 25.35
C GLY F 93 2.77 -16.92 25.40
N GLN F 94 2.56 -17.57 24.26
CA GLN F 94 1.79 -18.79 24.30
C GLN F 94 2.14 -19.66 23.11
N ALA F 95 1.79 -20.93 23.28
CA ALA F 95 1.75 -21.94 22.22
C ALA F 95 0.44 -22.71 22.46
N ALA F 96 -0.57 -22.44 21.66
CA ALA F 96 -1.87 -23.10 21.77
C ALA F 96 -2.20 -23.82 20.46
N SER F 97 -2.89 -24.95 20.56
CA SER F 97 -3.43 -25.71 19.42
C SER F 97 -2.23 -26.08 18.56
N MET F 98 -2.22 -25.77 17.26
CA MET F 98 -1.08 -26.11 16.42
C MET F 98 0.21 -25.51 16.95
N GLY F 99 0.13 -24.39 17.67
CA GLY F 99 1.34 -23.83 18.24
C GLY F 99 2.06 -24.79 19.16
N SER F 100 1.33 -25.49 20.05
CA SER F 100 1.97 -26.40 21.00
C SER F 100 2.41 -27.71 20.36
N LEU F 101 1.80 -28.10 19.26
CA LEU F 101 2.31 -29.25 18.53
C LEU F 101 3.72 -28.96 18.00
N LEU F 102 3.92 -27.79 17.38
CA LEU F 102 5.26 -27.44 16.89
C LEU F 102 6.24 -27.33 18.06
N LEU F 103 5.80 -26.73 19.18
CA LEU F 103 6.62 -26.67 20.39
C LEU F 103 7.10 -28.07 20.77
N ALA F 104 6.17 -29.03 20.80
CA ALA F 104 6.45 -30.38 21.25
C ALA F 104 7.23 -31.17 20.24
N ALA F 105 7.29 -30.70 19.00
CA ALA F 105 7.97 -31.42 17.92
C ALA F 105 9.46 -31.10 17.82
N GLY F 106 9.98 -30.22 18.66
CA GLY F 106 11.41 -29.99 18.62
C GLY F 106 12.21 -31.24 19.03
N THR F 107 13.51 -31.12 18.87
CA THR F 107 14.46 -32.18 19.20
C THR F 107 14.38 -32.53 20.68
N PRO F 108 14.28 -33.80 21.02
CA PRO F 108 14.22 -34.17 22.45
C PRO F 108 15.40 -33.59 23.20
N GLY F 109 15.13 -33.02 24.34
CA GLY F 109 16.17 -32.32 25.05
C GLY F 109 16.20 -30.82 24.81
N MET F 110 15.59 -30.32 23.73
CA MET F 110 15.79 -28.91 23.35
C MET F 110 14.48 -28.14 23.17
N ARG F 111 13.43 -28.51 23.93
CA ARG F 111 12.15 -27.84 23.89
C ARG F 111 12.03 -27.00 25.15
N HIS F 112 11.83 -25.71 24.97
CA HIS F 112 11.96 -24.76 26.07
C HIS F 112 10.77 -23.81 26.14
N SER F 113 10.60 -23.20 27.31
CA SER F 113 9.64 -22.12 27.52
C SER F 113 10.25 -21.11 28.48
N LEU F 114 9.90 -19.83 28.30
CA LEU F 114 10.15 -18.84 29.36
C LEU F 114 9.07 -19.00 30.44
N PRO F 115 9.27 -18.42 31.62
CA PRO F 115 8.48 -18.86 32.77
C PRO F 115 7.02 -18.40 32.77
N ASN F 116 6.63 -17.38 32.03
CA ASN F 116 5.23 -16.93 32.10
C ASN F 116 4.40 -17.30 30.87
N SER F 117 4.90 -18.19 30.02
CA SER F 117 4.14 -18.67 28.89
C SER F 117 2.98 -19.58 29.31
N ARG F 118 1.96 -19.61 28.47
CA ARG F 118 0.81 -20.48 28.59
C ARG F 118 0.80 -21.46 27.42
N ILE F 119 0.53 -22.73 27.71
CA ILE F 119 0.56 -23.80 26.71
C ILE F 119 -0.79 -24.52 26.70
N MET F 120 -1.34 -24.71 25.50
CA MET F 120 -2.58 -25.46 25.40
C MET F 120 -2.55 -26.47 24.28
N ILE F 121 -2.93 -27.70 24.57
CA ILE F 121 -3.10 -28.71 23.51
C ILE F 121 -4.55 -28.95 23.10
N HIS F 122 -5.53 -28.53 23.90
CA HIS F 122 -6.92 -28.47 23.44
C HIS F 122 -6.98 -27.77 22.10
N GLN F 123 -7.82 -28.25 21.22
CA GLN F 123 -8.01 -27.66 19.90
C GLN F 123 -9.24 -26.73 19.87
N PRO F 124 -9.18 -25.57 19.24
CA PRO F 124 -10.36 -24.69 19.23
C PRO F 124 -11.53 -25.35 18.53
N SER F 125 -12.75 -25.09 19.02
CA SER F 125 -13.96 -25.59 18.33
C SER F 125 -14.26 -24.68 17.12
N ILE F 135 -10.90 -25.09 3.42
CA ILE F 135 -12.24 -25.26 2.87
C ILE F 135 -13.13 -26.03 3.86
N ALA F 136 -14.43 -26.11 3.60
CA ALA F 136 -15.37 -26.82 4.48
C ALA F 136 -15.20 -28.33 4.33
N ILE F 137 -15.41 -29.06 5.42
CA ILE F 137 -14.89 -30.41 5.56
C ILE F 137 -15.95 -31.33 6.14
N GLN F 138 -15.94 -32.58 5.69
CA GLN F 138 -16.85 -33.61 6.17
C GLN F 138 -16.46 -34.09 7.57
N ALA F 139 -17.41 -34.71 8.27
CA ALA F 139 -17.18 -35.11 9.66
C ALA F 139 -16.07 -36.15 9.82
N GLU F 140 -15.98 -37.10 8.89
CA GLU F 140 -14.97 -38.14 8.98
C GLU F 140 -13.58 -37.60 8.68
N GLU F 141 -13.48 -36.60 7.81
CA GLU F 141 -12.21 -35.94 7.59
C GLU F 141 -11.76 -35.18 8.84
N ILE F 142 -12.68 -34.50 9.51
CA ILE F 142 -12.23 -33.78 10.69
C ILE F 142 -11.74 -34.74 11.75
N MET F 143 -12.34 -35.93 11.86
CA MET F 143 -11.85 -36.91 12.82
C MET F 143 -10.52 -37.52 12.41
N LYS F 144 -10.30 -37.68 11.09
CA LYS F 144 -9.02 -38.17 10.60
C LYS F 144 -7.90 -37.22 10.98
N LEU F 145 -8.10 -35.92 10.76
CA LEU F 145 -7.10 -34.95 11.18
C LEU F 145 -6.86 -35.02 12.68
N LYS F 146 -7.94 -35.07 13.47
CA LYS F 146 -7.79 -35.13 14.91
C LYS F 146 -6.93 -36.31 15.34
N LYS F 147 -7.12 -37.47 14.70
CA LYS F 147 -6.31 -38.64 15.06
C LYS F 147 -4.84 -38.43 14.70
N GLN F 148 -4.59 -37.78 13.57
CA GLN F 148 -3.20 -37.46 13.23
C GLN F 148 -2.59 -36.63 14.35
N LEU F 149 -3.36 -35.69 14.89
CA LEU F 149 -2.83 -34.87 15.99
C LEU F 149 -2.59 -35.72 17.23
N TYR F 150 -3.55 -36.58 17.58
CA TYR F 150 -3.36 -37.47 18.71
C TYR F 150 -2.07 -38.26 18.58
N ASN F 151 -1.79 -38.77 17.38
CA ASN F 151 -0.63 -39.63 17.20
C ASN F 151 0.66 -38.82 17.31
N ILE F 152 0.68 -37.60 16.77
CA ILE F 152 1.90 -36.79 16.87
C ILE F 152 2.17 -36.42 18.31
N TYR F 153 1.15 -35.99 19.04
CA TYR F 153 1.37 -35.67 20.45
C TYR F 153 1.85 -36.91 21.26
N ALA F 154 1.22 -38.08 21.08
CA ALA F 154 1.65 -39.30 21.76
C ALA F 154 3.14 -39.59 21.53
N LYS F 155 3.56 -39.51 20.27
CA LYS F 155 4.95 -39.75 19.90
C LYS F 155 5.92 -38.81 20.59
N HIS F 156 5.62 -37.53 20.64
CA HIS F 156 6.62 -36.61 21.17
C HIS F 156 6.50 -36.38 22.67
N THR F 157 5.31 -36.55 23.25
CA THR F 157 5.17 -36.46 24.68
C THR F 157 5.48 -37.78 25.37
N LYS F 158 5.40 -38.90 24.64
CA LYS F 158 5.54 -40.28 25.18
C LYS F 158 4.44 -40.57 26.21
N GLN F 159 3.27 -40.00 25.97
CA GLN F 159 2.05 -40.38 26.65
C GLN F 159 1.27 -41.36 25.78
N SER F 160 0.43 -42.16 26.44
CA SER F 160 -0.49 -43.02 25.72
C SER F 160 -1.52 -42.20 24.95
N LEU F 161 -2.10 -42.82 23.93
CA LEU F 161 -3.21 -42.23 23.19
C LEU F 161 -4.37 -41.84 24.10
N GLN F 162 -4.79 -42.76 24.97
CA GLN F 162 -5.90 -42.46 25.85
C GLN F 162 -5.62 -41.23 26.70
N VAL F 163 -4.38 -41.08 27.17
CA VAL F 163 -4.04 -39.91 27.99
C VAL F 163 -4.02 -38.63 27.16
N ILE F 164 -3.62 -38.70 25.88
CA ILE F 164 -3.64 -37.51 25.06
C ILE F 164 -5.09 -37.12 24.73
N GLU F 165 -5.95 -38.09 24.39
CA GLU F 165 -7.33 -37.75 24.02
C GLU F 165 -8.09 -37.09 25.17
N SER F 166 -7.92 -37.60 26.38
CA SER F 166 -8.57 -37.01 27.53
C SER F 166 -8.01 -35.64 27.85
N ALA F 167 -6.69 -35.49 27.78
CA ALA F 167 -6.10 -34.19 28.06
C ALA F 167 -6.60 -33.13 27.08
N MET F 168 -6.79 -33.48 25.82
CA MET F 168 -7.21 -32.50 24.82
C MET F 168 -8.69 -32.16 24.86
N GLU F 169 -9.46 -32.93 25.61
CA GLU F 169 -10.84 -32.58 25.88
C GLU F 169 -10.95 -31.43 26.87
N ARG F 170 -9.94 -31.22 27.72
CA ARG F 170 -9.99 -30.19 28.77
C ARG F 170 -9.66 -28.83 28.18
N ASP F 171 -10.63 -27.92 28.21
CA ASP F 171 -10.50 -26.55 27.72
C ASP F 171 -9.69 -25.77 28.76
N ARG F 172 -8.37 -25.82 28.64
CA ARG F 172 -7.56 -25.21 29.66
C ARG F 172 -6.13 -25.06 29.14
N TYR F 173 -5.42 -24.11 29.76
CA TYR F 173 -4.01 -23.86 29.47
C TYR F 173 -3.18 -24.46 30.61
N MET F 174 -1.93 -24.83 30.32
CA MET F 174 -1.01 -25.25 31.35
C MET F 174 0.19 -24.32 31.42
N SER F 175 0.79 -24.32 32.59
CA SER F 175 1.97 -23.58 32.89
C SER F 175 3.16 -24.31 32.27
N PRO F 176 4.29 -23.63 32.11
CA PRO F 176 5.46 -24.30 31.55
C PRO F 176 5.85 -25.55 32.33
N MET F 177 5.77 -25.50 33.67
CA MET F 177 6.21 -26.65 34.46
C MET F 177 5.27 -27.84 34.30
N GLU F 178 3.97 -27.61 34.28
CA GLU F 178 3.04 -28.69 33.99
C GLU F 178 3.28 -29.24 32.59
N ALA F 179 3.59 -28.35 31.62
CA ALA F 179 3.87 -28.83 30.27
C ALA F 179 5.14 -29.68 30.24
N GLN F 180 6.13 -29.32 31.04
CA GLN F 180 7.35 -30.13 31.17
C GLN F 180 7.03 -31.52 31.72
N GLU F 181 6.22 -31.60 32.80
CA GLU F 181 5.92 -32.92 33.38
C GLU F 181 5.10 -33.75 32.42
N PHE F 182 4.28 -33.12 31.59
CA PHE F 182 3.43 -33.83 30.64
C PHE F 182 4.24 -34.33 29.46
N GLY F 183 5.42 -33.78 29.21
CA GLY F 183 6.20 -34.20 28.06
C GLY F 183 6.23 -33.23 26.88
N ILE F 184 5.58 -32.06 26.99
CA ILE F 184 5.51 -31.16 25.83
C ILE F 184 6.82 -30.41 25.65
N LEU F 185 7.52 -30.14 26.74
CA LEU F 185 8.80 -29.46 26.65
C LEU F 185 9.76 -30.03 27.70
N ASP F 186 11.03 -29.69 27.55
CA ASP F 186 12.07 -30.24 28.42
C ASP F 186 12.61 -29.29 29.45
N LYS F 187 12.61 -27.97 29.20
CA LYS F 187 13.23 -27.04 30.12
C LYS F 187 12.47 -25.73 30.20
N VAL F 188 12.33 -25.22 31.41
CA VAL F 188 11.76 -23.90 31.65
C VAL F 188 12.89 -23.00 32.13
N LEU F 189 13.20 -21.95 31.36
CA LEU F 189 14.35 -21.09 31.59
C LEU F 189 13.98 -19.65 31.94
N VAL F 190 14.69 -19.09 32.92
CA VAL F 190 14.54 -17.69 33.33
C VAL F 190 15.70 -16.82 32.79
N HIS F 191 16.91 -17.38 32.77
CA HIS F 191 18.12 -16.67 32.39
C HIS F 191 18.95 -17.65 31.57
N PRO F 192 19.96 -17.16 30.83
CA PRO F 192 20.87 -18.04 30.08
C PRO F 192 21.78 -18.91 30.96
N ILE G 3 8.92 -10.47 4.10
CA ILE G 3 9.65 -11.58 3.53
C ILE G 3 11.16 -11.35 3.70
N PRO G 4 11.90 -12.27 4.29
CA PRO G 4 13.30 -11.97 4.64
C PRO G 4 14.23 -12.10 3.44
N ILE G 5 15.40 -11.47 3.61
CA ILE G 5 16.47 -11.40 2.62
C ILE G 5 17.60 -12.33 3.06
N VAL G 6 18.16 -13.07 2.10
CA VAL G 6 19.30 -13.96 2.36
C VAL G 6 20.45 -13.56 1.43
N VAL G 7 21.66 -13.91 1.83
CA VAL G 7 22.85 -13.51 1.11
C VAL G 7 23.89 -14.64 1.07
N GLU G 8 24.61 -14.72 -0.05
CA GLU G 8 25.82 -15.54 -0.16
C GLU G 8 26.79 -15.19 0.97
N ARG G 15 25.75 -11.32 -3.03
CA ARG G 15 24.52 -11.84 -3.65
C ARG G 15 23.33 -11.81 -2.69
N ALA G 16 22.37 -10.91 -2.89
CA ALA G 16 21.19 -10.80 -2.05
C ALA G 16 19.94 -11.22 -2.83
N TYR G 17 19.11 -12.05 -2.20
CA TYR G 17 17.82 -12.50 -2.73
C TYR G 17 16.78 -12.47 -1.62
N ASP G 18 15.56 -12.02 -1.90
CA ASP G 18 14.45 -12.43 -1.04
C ASP G 18 14.30 -13.94 -1.15
N ILE G 19 13.72 -14.55 -0.11
CA ILE G 19 13.85 -16.00 0.01
C ILE G 19 13.10 -16.72 -1.13
N TYR G 20 11.97 -16.18 -1.62
CA TYR G 20 11.28 -16.83 -2.74
C TYR G 20 12.10 -16.75 -4.02
N SER G 21 12.80 -15.63 -4.23
CA SER G 21 13.72 -15.61 -5.36
C SER G 21 14.85 -16.60 -5.19
N ARG G 22 15.27 -16.87 -3.95
CA ARG G 22 16.31 -17.87 -3.73
C ARG G 22 15.78 -19.26 -4.08
N LEU G 23 14.50 -19.52 -3.77
CA LEU G 23 13.91 -20.82 -4.15
C LEU G 23 13.89 -21.01 -5.66
N LEU G 24 13.55 -19.96 -6.41
CA LEU G 24 13.60 -20.06 -7.86
C LEU G 24 15.01 -20.40 -8.33
N ARG G 25 16.04 -19.90 -7.65
CA ARG G 25 17.42 -20.25 -8.03
C ARG G 25 17.71 -21.74 -7.85
N GLU G 26 17.01 -22.40 -6.90
CA GLU G 26 17.09 -23.85 -6.75
C GLU G 26 16.23 -24.63 -7.75
N ARG G 27 15.53 -23.96 -8.68
CA ARG G 27 14.60 -24.62 -9.60
C ARG G 27 13.38 -25.16 -8.87
N ILE G 28 12.93 -24.42 -7.88
CA ILE G 28 11.70 -24.73 -7.17
C ILE G 28 10.65 -23.69 -7.54
N VAL G 29 9.48 -24.16 -7.92
CA VAL G 29 8.31 -23.33 -8.20
C VAL G 29 7.25 -23.65 -7.15
N CYS G 30 6.79 -22.62 -6.44
CA CYS G 30 5.80 -22.81 -5.39
C CYS G 30 4.37 -22.61 -5.90
N VAL G 31 3.53 -23.60 -5.63
CA VAL G 31 2.10 -23.50 -5.87
C VAL G 31 1.43 -23.59 -4.51
N MET G 32 1.36 -22.47 -3.82
CA MET G 32 0.70 -22.42 -2.53
C MET G 32 -0.62 -21.67 -2.71
N GLY G 33 -1.65 -22.14 -2.04
CA GLY G 33 -2.86 -21.37 -1.98
C GLY G 33 -3.74 -21.56 -3.19
N PRO G 34 -4.87 -20.89 -3.19
CA PRO G 34 -5.85 -21.10 -4.27
C PRO G 34 -5.25 -20.67 -5.60
N ILE G 35 -5.55 -21.45 -6.63
CA ILE G 35 -5.03 -21.28 -7.97
C ILE G 35 -6.02 -20.41 -8.72
N ASP G 36 -5.57 -19.25 -9.19
CA ASP G 36 -6.35 -18.40 -10.06
C ASP G 36 -5.46 -18.00 -11.23
N ASP G 37 -5.99 -17.15 -12.10
CA ASP G 37 -5.26 -16.85 -13.32
C ASP G 37 -3.93 -16.19 -13.01
N SER G 38 -3.88 -15.42 -11.93
CA SER G 38 -2.66 -14.70 -11.59
C SER G 38 -1.57 -15.64 -11.08
N VAL G 39 -1.95 -16.58 -10.21
CA VAL G 39 -1.01 -17.61 -9.78
C VAL G 39 -0.53 -18.42 -10.99
N ALA G 40 -1.46 -18.80 -11.88
CA ALA G 40 -1.07 -19.61 -13.03
C ALA G 40 -0.10 -18.85 -13.93
N SER G 41 -0.34 -17.56 -14.15
CA SER G 41 0.59 -16.78 -14.96
C SER G 41 2.00 -16.73 -14.35
N LEU G 42 2.10 -16.54 -13.03
CA LEU G 42 3.42 -16.49 -12.40
C LEU G 42 4.10 -17.86 -12.37
N VAL G 43 3.33 -18.93 -12.14
CA VAL G 43 3.86 -20.29 -12.20
C VAL G 43 4.34 -20.63 -13.62
N ILE G 44 3.53 -20.29 -14.62
CA ILE G 44 3.90 -20.56 -16.01
C ILE G 44 5.16 -19.78 -16.39
N ALA G 45 5.21 -18.49 -16.03
CA ALA G 45 6.39 -17.71 -16.33
C ALA G 45 7.65 -18.37 -15.75
N GLN G 46 7.54 -18.94 -14.54
CA GLN G 46 8.72 -19.55 -13.92
C GLN G 46 9.07 -20.86 -14.59
N LEU G 47 8.07 -21.69 -14.92
CA LEU G 47 8.37 -22.94 -15.60
C LEU G 47 9.11 -22.66 -16.92
N LEU G 48 8.64 -21.69 -17.70
CA LEU G 48 9.27 -21.38 -18.98
C LEU G 48 10.66 -20.79 -18.79
N PHE G 49 10.83 -19.92 -17.78
CA PHE G 49 12.16 -19.41 -17.50
C PHE G 49 13.12 -20.54 -17.15
N LEU G 50 12.73 -21.42 -16.23
CA LEU G 50 13.66 -22.46 -15.83
C LEU G 50 13.99 -23.40 -16.99
N GLN G 51 13.04 -23.69 -17.90
CA GLN G 51 13.43 -24.51 -19.05
C GLN G 51 14.48 -23.78 -19.89
N SER G 52 14.29 -22.45 -20.08
CA SER G 52 15.25 -21.61 -20.82
C SER G 52 16.65 -21.70 -20.24
N GLU G 53 16.76 -21.80 -18.92
CA GLU G 53 18.09 -21.93 -18.33
C GLU G 53 18.65 -23.33 -18.53
N SER G 54 17.78 -24.33 -18.62
CA SER G 54 18.21 -25.67 -18.93
C SER G 54 16.99 -26.57 -19.21
N ASN G 55 16.99 -27.11 -20.42
CA ASN G 55 16.13 -28.12 -21.03
C ASN G 55 16.03 -29.43 -20.24
N LYS G 56 16.99 -29.78 -19.40
CA LYS G 56 16.89 -31.11 -18.81
C LYS G 56 17.18 -31.19 -17.33
N LYS G 57 17.64 -30.12 -16.71
CA LYS G 57 17.73 -30.12 -15.26
C LYS G 57 16.32 -30.21 -14.67
N PRO G 58 16.07 -31.11 -13.73
CA PRO G 58 14.73 -31.24 -13.16
C PRO G 58 14.22 -29.93 -12.54
N ILE G 59 12.89 -29.76 -12.56
CA ILE G 59 12.19 -28.66 -11.91
C ILE G 59 11.35 -29.27 -10.80
N HIS G 60 11.24 -28.55 -9.67
CA HIS G 60 10.49 -28.99 -8.48
C HIS G 60 9.27 -28.09 -8.24
N MET G 61 8.09 -28.71 -8.10
CA MET G 61 6.86 -27.98 -7.83
C MET G 61 6.42 -28.40 -6.43
N TYR G 62 6.37 -27.41 -5.54
CA TYR G 62 5.87 -27.56 -4.19
C TYR G 62 4.40 -27.15 -4.18
N ILE G 63 3.53 -28.07 -3.76
CA ILE G 63 2.09 -27.90 -3.85
C ILE G 63 1.53 -28.00 -2.43
N ASN G 64 0.90 -26.90 -1.97
CA ASN G 64 0.01 -26.86 -0.80
C ASN G 64 -1.16 -25.96 -1.19
N SER G 65 -2.21 -26.57 -1.74
CA SER G 65 -3.25 -25.85 -2.43
C SER G 65 -4.59 -26.53 -2.17
N PRO G 66 -5.62 -25.77 -1.79
CA PRO G 66 -6.97 -26.35 -1.71
C PRO G 66 -7.66 -26.41 -3.05
N GLY G 67 -7.02 -25.96 -4.12
CA GLY G 67 -7.66 -26.01 -5.43
C GLY G 67 -7.78 -24.62 -6.02
N GLY G 68 -8.69 -24.42 -6.98
CA GLY G 68 -8.90 -23.08 -7.54
C GLY G 68 -9.58 -23.17 -8.89
N VAL G 69 -9.31 -22.16 -9.72
CA VAL G 69 -10.01 -22.05 -10.99
C VAL G 69 -9.55 -23.14 -11.93
N VAL G 70 -10.50 -23.91 -12.47
CA VAL G 70 -10.16 -25.07 -13.32
C VAL G 70 -9.32 -24.63 -14.52
N THR G 71 -9.74 -23.60 -15.27
CA THR G 71 -9.01 -23.31 -16.51
C THR G 71 -7.58 -22.82 -16.23
N ALA G 72 -7.40 -22.17 -15.08
CA ALA G 72 -6.08 -21.70 -14.66
C ALA G 72 -5.19 -22.86 -14.25
N GLY G 73 -5.77 -23.84 -13.56
CA GLY G 73 -5.05 -25.08 -13.28
C GLY G 73 -4.73 -25.88 -14.54
N LEU G 74 -5.66 -25.92 -15.50
CA LEU G 74 -5.31 -26.62 -16.74
C LEU G 74 -4.20 -25.90 -17.52
N ALA G 75 -4.11 -24.56 -17.40
CA ALA G 75 -3.05 -23.84 -18.08
C ALA G 75 -1.69 -24.22 -17.51
N ILE G 76 -1.63 -24.39 -16.19
CA ILE G 76 -0.41 -24.89 -15.56
C ILE G 76 -0.12 -26.31 -16.01
N TYR G 77 -1.12 -27.19 -15.99
CA TYR G 77 -0.91 -28.56 -16.44
C TYR G 77 -0.37 -28.59 -17.87
N ASP G 78 -1.00 -27.85 -18.79
CA ASP G 78 -0.56 -27.89 -20.18
C ASP G 78 0.88 -27.42 -20.33
N THR G 79 1.31 -26.44 -19.53
CA THR G 79 2.70 -25.98 -19.58
C THR G 79 3.67 -27.05 -19.05
N MET G 80 3.27 -27.74 -17.96
CA MET G 80 4.05 -28.85 -17.43
C MET G 80 4.25 -29.95 -18.46
N GLN G 81 3.20 -30.30 -19.17
CA GLN G 81 3.33 -31.25 -20.26
C GLN G 81 4.20 -30.70 -21.38
N TYR G 82 4.21 -29.38 -21.58
CA TYR G 82 4.88 -28.83 -22.75
C TYR G 82 6.41 -28.80 -22.58
N ILE G 83 6.92 -28.43 -21.40
CA ILE G 83 8.37 -28.29 -21.25
C ILE G 83 9.02 -29.67 -21.23
N LEU G 84 10.29 -29.72 -21.63
CA LEU G 84 10.98 -31.00 -21.76
C LEU G 84 11.46 -31.53 -20.42
N ASN G 85 11.52 -30.69 -19.42
CA ASN G 85 12.21 -31.02 -18.19
C ASN G 85 11.47 -32.10 -17.43
N PRO G 86 12.18 -33.00 -16.74
CA PRO G 86 11.51 -33.77 -15.69
C PRO G 86 11.02 -32.80 -14.63
N ILE G 87 9.79 -33.03 -14.16
CA ILE G 87 9.19 -32.22 -13.10
C ILE G 87 8.86 -33.12 -11.93
N CYS G 88 9.48 -32.83 -10.77
CA CYS G 88 9.20 -33.51 -9.52
C CYS G 88 8.15 -32.71 -8.77
N THR G 89 7.06 -33.35 -8.39
CA THR G 89 6.01 -32.71 -7.61
C THR G 89 6.15 -33.16 -6.16
N TRP G 90 5.87 -32.25 -5.21
CA TRP G 90 5.96 -32.51 -3.77
C TRP G 90 4.71 -31.94 -3.11
N CYS G 91 3.98 -32.77 -2.37
CA CYS G 91 2.81 -32.30 -1.65
C CYS G 91 3.15 -32.10 -0.17
N VAL G 92 3.02 -30.87 0.32
CA VAL G 92 3.00 -30.56 1.74
C VAL G 92 1.62 -29.99 2.13
N GLY G 93 1.11 -30.39 3.30
CA GLY G 93 -0.14 -29.86 3.79
C GLY G 93 -1.32 -30.52 3.11
N GLN G 94 -1.65 -30.08 1.90
CA GLN G 94 -2.70 -30.76 1.17
C GLN G 94 -2.59 -30.49 -0.31
N ALA G 95 -3.26 -31.33 -1.09
CA ALA G 95 -3.46 -31.09 -2.52
C ALA G 95 -4.90 -31.50 -2.82
N ALA G 96 -5.79 -30.52 -2.90
CA ALA G 96 -7.20 -30.80 -3.20
C ALA G 96 -7.59 -30.25 -4.57
N SER G 97 -8.44 -30.99 -5.30
CA SER G 97 -9.10 -30.47 -6.51
C SER G 97 -7.97 -30.21 -7.48
N MET G 98 -7.78 -29.00 -8.01
CA MET G 98 -6.79 -28.80 -9.04
C MET G 98 -5.38 -29.04 -8.54
N GLY G 99 -5.16 -28.85 -7.23
CA GLY G 99 -3.85 -29.15 -6.64
C GLY G 99 -3.45 -30.59 -6.80
N SER G 100 -4.41 -31.52 -6.75
CA SER G 100 -4.07 -32.93 -6.85
C SER G 100 -3.86 -33.31 -8.29
N LEU G 101 -4.49 -32.60 -9.21
CA LEU G 101 -4.21 -32.86 -10.62
C LEU G 101 -2.77 -32.46 -10.96
N LEU G 102 -2.31 -31.33 -10.43
CA LEU G 102 -0.94 -30.92 -10.69
C LEU G 102 0.05 -31.86 -10.04
N LEU G 103 -0.27 -32.34 -8.85
CA LEU G 103 0.59 -33.32 -8.17
C LEU G 103 0.70 -34.59 -8.98
N ALA G 104 -0.42 -35.11 -9.48
CA ALA G 104 -0.39 -36.35 -10.24
C ALA G 104 0.22 -36.17 -11.61
N ALA G 105 0.39 -34.93 -12.07
CA ALA G 105 0.92 -34.62 -13.40
C ALA G 105 2.43 -34.62 -13.46
N GLY G 106 3.11 -34.79 -12.35
CA GLY G 106 4.55 -34.77 -12.34
C GLY G 106 5.11 -35.95 -13.11
N THR G 107 6.40 -35.89 -13.38
CA THR G 107 7.07 -36.96 -14.11
C THR G 107 6.93 -38.28 -13.36
N PRO G 108 6.59 -39.37 -14.04
CA PRO G 108 6.45 -40.67 -13.35
C PRO G 108 7.73 -41.05 -12.62
N GLY G 109 7.56 -41.62 -11.43
CA GLY G 109 8.65 -41.84 -10.54
C GLY G 109 8.97 -40.68 -9.62
N MET G 110 8.50 -39.47 -9.92
CA MET G 110 8.97 -38.31 -9.17
C MET G 110 7.84 -37.51 -8.53
N ARG G 111 6.73 -38.17 -8.17
CA ARG G 111 5.62 -37.51 -7.48
C ARG G 111 5.63 -37.91 -6.01
N HIS G 112 5.80 -36.93 -5.12
CA HIS G 112 6.07 -37.22 -3.73
C HIS G 112 5.08 -36.53 -2.80
N SER G 113 5.04 -37.02 -1.55
CA SER G 113 4.23 -36.45 -0.50
C SER G 113 4.95 -36.60 0.83
N LEU G 114 4.88 -35.57 1.67
CA LEU G 114 5.27 -35.69 3.05
C LEU G 114 4.18 -36.46 3.81
N PRO G 115 4.49 -37.00 4.99
CA PRO G 115 3.67 -38.12 5.53
C PRO G 115 2.31 -37.70 6.07
N ASN G 116 2.11 -36.43 6.44
CA ASN G 116 0.85 -35.98 7.00
C ASN G 116 -0.03 -35.19 6.01
N SER G 117 0.35 -35.12 4.73
CA SER G 117 -0.42 -34.39 3.74
C SER G 117 -1.77 -35.06 3.53
N ARG G 118 -2.74 -34.29 3.03
CA ARG G 118 -4.07 -34.79 2.67
C ARG G 118 -4.32 -34.53 1.19
N ILE G 119 -4.82 -35.55 0.48
CA ILE G 119 -5.01 -35.48 -0.97
C ILE G 119 -6.48 -35.75 -1.33
N MET G 120 -7.08 -34.85 -2.09
CA MET G 120 -8.45 -35.04 -2.54
C MET G 120 -8.56 -34.80 -4.03
N ILE G 121 -9.19 -35.72 -4.76
CA ILE G 121 -9.54 -35.52 -6.16
C ILE G 121 -11.01 -35.15 -6.42
N HIS G 122 -11.89 -35.31 -5.43
CA HIS G 122 -13.22 -34.71 -5.45
C HIS G 122 -13.12 -33.22 -5.80
N GLN G 123 -14.02 -32.78 -6.67
CA GLN G 123 -14.07 -31.38 -7.09
C GLN G 123 -15.10 -30.64 -6.26
N PRO G 124 -14.84 -29.42 -5.79
CA PRO G 124 -15.79 -28.75 -4.89
C PRO G 124 -17.10 -28.37 -5.58
N SER G 125 -18.04 -27.81 -4.80
CA SER G 125 -19.26 -27.21 -5.35
C SER G 125 -20.23 -28.32 -5.76
N ALA G 136 -19.07 -17.48 -15.18
CA ALA G 136 -20.38 -18.16 -15.14
C ALA G 136 -20.61 -18.86 -16.49
N ILE G 137 -21.03 -20.13 -16.44
CA ILE G 137 -21.08 -20.95 -17.64
C ILE G 137 -22.19 -22.01 -17.58
N GLN G 138 -22.52 -22.54 -18.75
CA GLN G 138 -23.65 -23.40 -18.99
C GLN G 138 -23.33 -24.84 -18.58
N ALA G 139 -24.39 -25.61 -18.35
CA ALA G 139 -24.25 -26.98 -17.87
C ALA G 139 -23.42 -27.84 -18.82
N GLU G 140 -23.58 -27.66 -20.13
CA GLU G 140 -22.78 -28.41 -21.08
C GLU G 140 -21.28 -28.12 -20.91
N GLU G 141 -20.93 -26.87 -20.63
CA GLU G 141 -19.51 -26.54 -20.46
C GLU G 141 -18.95 -27.08 -19.15
N ILE G 142 -19.74 -27.08 -18.08
CA ILE G 142 -19.21 -27.57 -16.82
C ILE G 142 -18.85 -29.04 -16.93
N MET G 143 -19.70 -29.82 -17.60
CA MET G 143 -19.37 -31.22 -17.76
C MET G 143 -18.30 -31.48 -18.80
N LYS G 144 -18.12 -30.60 -19.79
CA LYS G 144 -17.00 -30.78 -20.71
C LYS G 144 -15.70 -30.61 -19.96
N LEU G 145 -15.62 -29.58 -19.12
CA LEU G 145 -14.44 -29.43 -18.28
C LEU G 145 -14.27 -30.62 -17.36
N LYS G 146 -15.37 -31.11 -16.76
CA LYS G 146 -15.30 -32.26 -15.86
C LYS G 146 -14.66 -33.47 -16.56
N LYS G 147 -15.10 -33.74 -17.80
CA LYS G 147 -14.54 -34.84 -18.57
C LYS G 147 -13.07 -34.61 -18.89
N GLN G 148 -12.64 -33.38 -19.10
CA GLN G 148 -11.21 -33.16 -19.31
C GLN G 148 -10.42 -33.59 -18.08
N LEU G 149 -10.94 -33.27 -16.89
CA LEU G 149 -10.29 -33.71 -15.67
C LEU G 149 -10.29 -35.23 -15.55
N TYR G 150 -11.44 -35.88 -15.81
CA TYR G 150 -11.52 -37.35 -15.84
C TYR G 150 -10.42 -37.94 -16.71
N ASN G 151 -10.23 -37.38 -17.90
CA ASN G 151 -9.23 -37.93 -18.81
C ASN G 151 -7.79 -37.66 -18.37
N ILE G 152 -7.50 -36.49 -17.80
CA ILE G 152 -6.16 -36.26 -17.26
C ILE G 152 -5.88 -37.19 -16.07
N TYR G 153 -6.86 -37.35 -15.19
CA TYR G 153 -6.59 -38.18 -14.04
C TYR G 153 -6.40 -39.63 -14.44
N ALA G 154 -7.22 -40.14 -15.36
CA ALA G 154 -7.09 -41.50 -15.83
C ALA G 154 -5.72 -41.75 -16.43
N LYS G 155 -5.23 -40.78 -17.23
CA LYS G 155 -3.97 -40.94 -17.92
C LYS G 155 -2.80 -41.03 -16.94
N HIS G 156 -2.78 -40.18 -15.92
CA HIS G 156 -1.62 -40.15 -15.03
C HIS G 156 -1.71 -41.14 -13.87
N THR G 157 -2.90 -41.59 -13.52
CA THR G 157 -3.00 -42.60 -12.48
C THR G 157 -3.00 -44.02 -13.04
N LYS G 158 -3.21 -44.20 -14.34
CA LYS G 158 -3.36 -45.52 -14.97
C LYS G 158 -4.62 -46.26 -14.48
N GLN G 159 -5.61 -45.52 -13.95
CA GLN G 159 -6.91 -46.10 -13.67
C GLN G 159 -7.84 -45.92 -14.85
N SER G 160 -8.92 -46.69 -14.85
CA SER G 160 -9.93 -46.55 -15.89
C SER G 160 -10.76 -45.29 -15.64
N LEU G 161 -11.34 -44.78 -16.73
CA LEU G 161 -12.29 -43.67 -16.60
C LEU G 161 -13.36 -43.94 -15.57
N GLN G 162 -13.90 -45.16 -15.55
CA GLN G 162 -14.97 -45.46 -14.60
C GLN G 162 -14.46 -45.40 -13.15
N VAL G 163 -13.25 -45.91 -12.89
CA VAL G 163 -12.70 -45.85 -11.54
C VAL G 163 -12.49 -44.40 -11.11
N ILE G 164 -12.02 -43.56 -12.02
CA ILE G 164 -11.87 -42.14 -11.72
C ILE G 164 -13.22 -41.50 -11.42
N GLU G 165 -14.21 -41.76 -12.27
CA GLU G 165 -15.50 -41.08 -12.10
C GLU G 165 -16.15 -41.45 -10.77
N SER G 166 -16.13 -42.73 -10.42
CA SER G 166 -16.73 -43.12 -9.15
C SER G 166 -15.93 -42.57 -7.98
N ALA G 167 -14.60 -42.49 -8.11
CA ALA G 167 -13.77 -42.00 -7.01
C ALA G 167 -13.96 -40.51 -6.78
N MET G 168 -14.13 -39.73 -7.86
CA MET G 168 -14.27 -38.29 -7.68
C MET G 168 -15.62 -37.93 -7.11
N GLU G 169 -16.58 -38.84 -7.21
CA GLU G 169 -17.89 -38.65 -6.59
C GLU G 169 -17.84 -38.77 -5.06
N ARG G 170 -16.78 -39.33 -4.47
CA ARG G 170 -16.68 -39.46 -3.02
C ARG G 170 -16.07 -38.20 -2.41
N ASP G 171 -16.82 -37.56 -1.55
CA ASP G 171 -16.39 -36.36 -0.84
C ASP G 171 -15.49 -36.79 0.30
N ARG G 172 -14.19 -36.89 0.05
CA ARG G 172 -13.28 -37.36 1.09
C ARG G 172 -11.83 -37.16 0.66
N TYR G 173 -10.97 -37.06 1.66
CA TYR G 173 -9.53 -36.98 1.47
C TYR G 173 -8.90 -38.36 1.61
N MET G 174 -7.77 -38.57 0.93
CA MET G 174 -6.95 -39.75 1.08
C MET G 174 -5.64 -39.37 1.76
N SER G 175 -5.02 -40.35 2.42
CA SER G 175 -3.69 -40.23 2.98
C SER G 175 -2.66 -40.41 1.87
N PRO G 176 -1.41 -40.03 2.11
CA PRO G 176 -0.40 -40.20 1.05
C PRO G 176 -0.31 -41.64 0.55
N MET G 177 -0.46 -42.63 1.44
CA MET G 177 -0.28 -44.02 1.01
C MET G 177 -1.47 -44.50 0.18
N GLU G 178 -2.69 -44.08 0.51
CA GLU G 178 -3.78 -44.42 -0.39
C GLU G 178 -3.56 -43.75 -1.74
N ALA G 179 -3.20 -42.47 -1.72
CA ALA G 179 -2.90 -41.80 -2.98
C ALA G 179 -1.81 -42.54 -3.74
N GLN G 180 -0.76 -43.01 -3.05
CA GLN G 180 0.26 -43.79 -3.76
C GLN G 180 -0.36 -45.02 -4.44
N GLU G 181 -1.16 -45.79 -3.69
CA GLU G 181 -1.83 -46.99 -4.25
C GLU G 181 -2.81 -46.66 -5.38
N PHE G 182 -3.46 -45.50 -5.35
CA PHE G 182 -4.38 -45.15 -6.43
C PHE G 182 -3.66 -44.61 -7.66
N GLY G 183 -2.40 -44.20 -7.54
CA GLY G 183 -1.63 -43.73 -8.69
C GLY G 183 -1.47 -42.23 -8.84
N ILE G 184 -1.77 -41.45 -7.81
CA ILE G 184 -1.55 -40.02 -7.82
C ILE G 184 -0.11 -39.73 -7.48
N LEU G 185 0.49 -40.57 -6.67
CA LEU G 185 1.79 -40.36 -6.08
C LEU G 185 2.62 -41.62 -6.31
N ASP G 186 3.95 -41.45 -6.33
CA ASP G 186 4.93 -42.54 -6.34
C ASP G 186 5.60 -42.77 -5.00
N LYS G 187 5.83 -41.71 -4.21
CA LYS G 187 6.67 -41.84 -3.03
C LYS G 187 6.17 -41.04 -1.84
N VAL G 188 6.23 -41.65 -0.66
CA VAL G 188 5.93 -40.99 0.61
C VAL G 188 7.22 -40.89 1.40
N LEU G 189 7.48 -39.73 1.96
CA LEU G 189 8.79 -39.41 2.49
C LEU G 189 8.89 -39.69 3.99
N VAL G 190 9.78 -38.97 4.67
CA VAL G 190 9.86 -38.68 6.11
C VAL G 190 11.14 -37.86 6.28
N HIS G 191 12.22 -38.26 5.59
CA HIS G 191 13.51 -37.55 5.58
C HIS G 191 14.15 -37.71 4.20
N PRO G 192 15.27 -36.98 3.92
CA PRO G 192 15.87 -36.97 2.57
C PRO G 192 16.26 -38.34 1.94
#